data_5XLC
#
_entry.id   5XLC
#
_cell.length_a   100.272
_cell.length_b   100.272
_cell.length_c   686.271
_cell.angle_alpha   90.00
_cell.angle_beta   90.00
_cell.angle_gamma   120.00
#
_symmetry.space_group_name_H-M   'H 3 2'
#
loop_
_entity.id
_entity.type
_entity.pdbx_description
1 polymer Hemagglutinin
2 polymer Hemagglutinin
3 non-polymer 2-acetamido-2-deoxy-beta-D-glucopyranose
4 non-polymer 'N-acetyl-alpha-neuraminic acid'
5 water water
#
loop_
_entity_poly.entity_id
_entity_poly.type
_entity_poly.pdbx_seq_one_letter_code
_entity_poly.pdbx_strand_id
1 'polypeptide(L)'
;QNYTGNPVICMGHHAVANGTMVKTLADDQVEVVTAQELVESQNLPELCPSPLRLVDGQTCDIINGALGSPGCDHLNGAEW
DVFIERPNAVDTCYPFDVPEYQSLRSILANNGKFEFIAEEFQWNTVKQNGKSGACKRANVNDFFNRLNWLVKSDGNAYPL
QNLTKINNGDYARLYIWGVHHPSTDTEQTNLYKNNPGGVTVSTKTSQTSVVPNIGSRPLVRGLSSRVSFYWTIVEPGDLI
VFNTIGNLIAPRGHYKLNNQKKSTILNTAIPIGSCVSKCHTDKGSLSTTKPFQNISRIAVGDCPRYVKQGSLKLATGMRN
IPEKASR
;
A,B
2 'polypeptide(L)'
;GLFGAIAGFIENGWQGLIDGWYGFRHQNAEGTGTAADLKSTQAAIDQINGKLNRLIEKTNDKYHQIEKEFEQVEGRIQDL
EKYVEDTKIDLWSYNAELLVALENQHTIDVTDSEMNKLFERVRRQLRENAEDKGNGCFEIFHKCDNNCIESIRNGTYDHD
IYRDEAINNRFQIQGV
;
C,D
#
loop_
_chem_comp.id
_chem_comp.type
_chem_comp.name
_chem_comp.formula
NAG D-saccharide, beta linking 2-acetamido-2-deoxy-beta-D-glucopyranose 'C8 H15 N O6'
SIA D-saccharide, alpha linking 'N-acetyl-alpha-neuraminic acid' 'C11 H19 N O9'
#
# COMPACT_ATOMS: atom_id res chain seq x y z
N GLY A 5 -4.14 -18.85 3.83
CA GLY A 5 -5.15 -18.05 4.48
C GLY A 5 -4.64 -17.34 5.71
N ASN A 6 -3.89 -16.26 5.49
CA ASN A 6 -3.29 -15.49 6.58
C ASN A 6 -3.12 -13.95 6.42
N PRO A 7 -3.79 -13.30 5.44
CA PRO A 7 -3.82 -11.84 5.60
C PRO A 7 -4.58 -11.42 6.87
N VAL A 8 -4.26 -10.25 7.42
CA VAL A 8 -4.90 -9.74 8.62
C VAL A 8 -5.30 -8.27 8.49
N ILE A 9 -6.54 -7.94 8.86
CA ILE A 9 -6.92 -6.53 8.92
C ILE A 9 -7.27 -6.13 10.36
N CYS A 10 -6.67 -5.03 10.84
CA CYS A 10 -6.83 -4.62 12.23
C CYS A 10 -7.57 -3.29 12.34
N MET A 11 -8.54 -3.22 13.24
CA MET A 11 -9.24 -1.96 13.51
C MET A 11 -8.68 -1.29 14.76
N GLY A 12 -8.43 0.01 14.68
CA GLY A 12 -7.79 0.73 15.77
C GLY A 12 -8.17 2.19 15.86
N HIS A 13 -7.50 2.89 16.78
CA HIS A 13 -7.79 4.30 17.02
C HIS A 13 -6.48 5.07 17.24
N HIS A 14 -6.55 6.39 17.22
CA HIS A 14 -5.35 7.21 17.30
C HIS A 14 -4.87 7.34 18.74
N ALA A 15 -3.70 7.92 18.91
CA ALA A 15 -3.15 8.21 20.23
C ALA A 15 -2.01 9.20 20.05
N VAL A 16 -1.68 9.90 21.12
CA VAL A 16 -0.53 10.79 21.15
C VAL A 16 0.37 10.39 22.31
N ALA A 17 1.54 11.02 22.40
CA ALA A 17 2.51 10.66 23.44
C ALA A 17 2.00 11.05 24.83
N ASN A 18 1.50 12.28 24.95
CA ASN A 18 1.04 12.78 26.24
C ASN A 18 -0.29 13.50 26.12
N GLY A 19 -1.32 12.99 26.78
CA GLY A 19 -2.64 13.60 26.73
C GLY A 19 -2.91 14.50 27.91
N THR A 20 -4.18 14.73 28.21
CA THR A 20 -4.60 15.60 29.32
C THR A 20 -5.49 14.84 30.30
N MET A 21 -5.24 15.00 31.59
CA MET A 21 -6.09 14.40 32.62
C MET A 21 -7.42 15.14 32.72
N VAL A 22 -8.52 14.37 32.75
CA VAL A 22 -9.85 14.93 32.99
C VAL A 22 -10.59 14.14 34.06
N LYS A 23 -11.68 14.69 34.58
CA LYS A 23 -12.49 13.97 35.56
C LYS A 23 -13.74 13.34 34.92
N THR A 24 -14.17 12.21 35.48
CA THR A 24 -15.47 11.63 35.17
C THR A 24 -16.29 11.44 36.44
N LEU A 25 -17.41 10.75 36.32
CA LEU A 25 -18.19 10.35 37.48
C LEU A 25 -17.40 9.39 38.38
N ALA A 26 -16.66 8.48 37.74
CA ALA A 26 -15.97 7.41 38.45
C ALA A 26 -14.49 7.71 38.75
N ASP A 27 -13.85 8.49 37.89
CA ASP A 27 -12.40 8.62 37.93
C ASP A 27 -12.02 10.09 37.85
N ASP A 28 -11.09 10.53 38.70
CA ASP A 28 -10.71 11.93 38.66
C ASP A 28 -9.40 12.16 37.91
N GLN A 29 -8.85 11.07 37.38
CA GLN A 29 -7.61 11.15 36.60
C GLN A 29 -7.62 10.21 35.40
N VAL A 30 -8.31 10.64 34.33
CA VAL A 30 -8.35 9.88 33.09
C VAL A 30 -7.63 10.66 32.01
N GLU A 31 -6.74 9.99 31.28
CA GLU A 31 -6.02 10.66 30.21
C GLU A 31 -6.74 10.53 28.87
N VAL A 32 -7.10 11.66 28.29
CA VAL A 32 -7.76 11.68 27.00
C VAL A 32 -6.86 12.41 26.02
N VAL A 33 -7.14 12.25 24.73
CA VAL A 33 -6.23 12.72 23.70
C VAL A 33 -6.21 14.24 23.62
N THR A 34 -7.38 14.85 23.71
CA THR A 34 -7.49 16.30 23.74
C THR A 34 -8.51 16.74 24.78
N ALA A 35 -8.35 17.95 25.28
CA ALA A 35 -9.31 18.49 26.24
C ALA A 35 -9.37 20.01 26.15
N GLN A 36 -10.48 20.56 26.62
CA GLN A 36 -10.68 22.00 26.58
C GLN A 36 -10.99 22.53 27.99
N GLU A 37 -10.24 23.56 28.39
CA GLU A 37 -10.44 24.22 29.68
C GLU A 37 -11.71 25.07 29.67
N LEU A 38 -12.57 24.91 30.67
CA LEU A 38 -13.83 25.65 30.69
C LEU A 38 -13.85 26.80 31.72
N VAL A 39 -12.82 26.87 32.55
CA VAL A 39 -12.69 27.94 33.53
C VAL A 39 -11.64 28.96 33.10
N GLU A 40 -12.10 30.16 32.80
CA GLU A 40 -11.25 31.30 32.49
C GLU A 40 -10.57 31.82 33.77
N SER A 41 -9.25 31.72 33.83
CA SER A 41 -8.51 32.17 35.01
C SER A 41 -7.48 33.24 34.66
N GLN A 42 -7.67 33.88 33.51
CA GLN A 42 -6.82 35.00 33.10
C GLN A 42 -7.69 36.22 32.80
N ASN A 43 -7.26 37.38 33.26
CA ASN A 43 -7.95 38.62 32.91
C ASN A 43 -6.99 39.63 32.28
N LEU A 44 -7.53 40.57 31.53
CA LEU A 44 -6.75 41.70 31.00
C LEU A 44 -6.43 42.67 32.14
N PRO A 45 -5.30 43.38 32.05
CA PRO A 45 -4.95 44.33 33.11
C PRO A 45 -5.63 45.68 32.91
N GLU A 46 -6.66 45.72 32.06
CA GLU A 46 -7.37 46.95 31.78
C GLU A 46 -8.88 46.71 31.55
N LEU A 47 -9.66 47.78 31.49
CA LEU A 47 -11.10 47.70 31.21
C LEU A 47 -11.38 48.18 29.80
N CYS A 48 -12.14 47.40 29.04
CA CYS A 48 -12.43 47.71 27.64
C CYS A 48 -13.62 48.67 27.52
N PRO A 49 -13.43 49.80 26.81
CA PRO A 49 -14.46 50.84 26.71
C PRO A 49 -15.47 50.55 25.60
N SER A 50 -15.30 49.41 24.95
CA SER A 50 -16.19 48.98 23.90
C SER A 50 -16.47 47.48 24.08
N PRO A 51 -17.71 47.04 23.80
CA PRO A 51 -18.83 47.81 23.26
C PRO A 51 -19.74 48.40 24.32
N LEU A 52 -19.44 48.19 25.60
CA LEU A 52 -20.23 48.79 26.65
C LEU A 52 -19.69 50.19 26.95
N ARG A 53 -20.59 51.14 27.15
CA ARG A 53 -20.19 52.50 27.48
C ARG A 53 -19.78 52.61 28.94
N LEU A 54 -18.49 52.79 29.17
CA LEU A 54 -17.97 53.01 30.53
C LEU A 54 -17.68 54.49 30.77
N VAL A 55 -18.17 55.01 31.90
CA VAL A 55 -17.84 56.36 32.32
C VAL A 55 -16.94 56.33 33.55
N ASP A 56 -15.75 56.91 33.42
CA ASP A 56 -14.72 56.92 34.47
C ASP A 56 -14.94 58.10 35.42
N GLY A 57 -15.38 57.81 36.64
CA GLY A 57 -15.70 58.84 37.61
C GLY A 57 -14.46 59.61 38.04
N GLN A 58 -13.30 58.97 37.87
CA GLN A 58 -12.00 59.55 38.22
C GLN A 58 -11.94 59.91 39.69
N THR A 59 -11.94 61.19 40.00
CA THR A 59 -11.80 61.64 41.38
C THR A 59 -13.14 61.67 42.12
N CYS A 60 -14.25 61.68 41.38
CA CYS A 60 -15.57 61.68 42.01
C CYS A 60 -16.15 60.28 42.15
N ASP A 61 -16.61 59.94 43.35
CA ASP A 61 -17.47 58.77 43.50
C ASP A 61 -18.81 59.19 42.91
N ILE A 62 -19.74 58.27 42.74
CA ILE A 62 -20.96 58.62 41.99
C ILE A 62 -21.88 59.56 42.81
N ILE A 63 -21.80 59.50 44.14
CA ILE A 63 -22.62 60.38 44.96
C ILE A 63 -22.17 61.84 44.78
N ASN A 64 -20.85 62.08 44.84
CA ASN A 64 -20.31 63.42 44.66
C ASN A 64 -20.54 63.94 43.24
N GLY A 65 -20.52 63.04 42.27
CA GLY A 65 -20.84 63.42 40.89
C GLY A 65 -22.25 64.00 40.79
N ALA A 66 -23.21 63.33 41.43
CA ALA A 66 -24.61 63.76 41.37
C ALA A 66 -24.87 65.03 42.19
N LEU A 67 -24.05 65.25 43.21
CA LEU A 67 -24.20 66.44 44.05
C LEU A 67 -23.60 67.64 43.34
N GLY A 68 -22.58 67.40 42.52
CA GLY A 68 -21.91 68.45 41.79
C GLY A 68 -20.74 69.04 42.56
N SER A 69 -19.95 68.16 43.16
CA SER A 69 -18.74 68.55 43.87
C SER A 69 -17.69 69.08 42.89
N PRO A 70 -16.77 69.94 43.38
CA PRO A 70 -15.69 70.43 42.51
C PRO A 70 -14.90 69.27 41.91
N GLY A 71 -14.73 69.30 40.60
CA GLY A 71 -14.00 68.24 39.91
C GLY A 71 -14.91 67.18 39.31
N CYS A 72 -16.22 67.39 39.40
CA CYS A 72 -17.21 66.45 38.88
C CYS A 72 -17.98 67.00 37.68
N ASP A 73 -17.42 68.02 37.04
CA ASP A 73 -18.12 68.67 35.94
C ASP A 73 -18.12 67.80 34.69
N HIS A 74 -17.11 66.93 34.58
CA HIS A 74 -17.01 66.03 33.44
C HIS A 74 -18.13 65.01 33.44
N LEU A 75 -18.74 64.78 34.60
CA LEU A 75 -19.83 63.79 34.72
C LEU A 75 -21.18 64.36 34.29
N ASN A 76 -21.26 65.67 34.05
CA ASN A 76 -22.51 66.28 33.61
C ASN A 76 -22.88 65.81 32.20
N GLY A 77 -24.12 65.37 32.01
CA GLY A 77 -24.59 64.89 30.74
C GLY A 77 -24.19 63.45 30.39
N ALA A 78 -23.29 62.90 31.19
CA ALA A 78 -22.75 61.56 30.98
C ALA A 78 -23.83 60.47 31.01
N GLU A 79 -23.73 59.55 30.07
CA GLU A 79 -24.60 58.37 30.02
C GLU A 79 -23.71 57.13 30.04
N TRP A 80 -24.09 56.13 30.83
CA TRP A 80 -23.24 54.95 31.00
C TRP A 80 -24.02 53.64 31.08
N ASP A 81 -23.39 52.59 30.57
CA ASP A 81 -23.80 51.22 30.84
C ASP A 81 -23.25 50.85 32.22
N VAL A 82 -21.95 51.11 32.39
CA VAL A 82 -21.26 50.88 33.66
C VAL A 82 -20.50 52.12 34.13
N PHE A 83 -20.89 52.65 35.28
CA PHE A 83 -20.15 53.73 35.92
C PHE A 83 -18.93 53.15 36.62
N ILE A 84 -17.74 53.61 36.26
CA ILE A 84 -16.53 53.08 36.86
C ILE A 84 -16.01 53.99 37.97
N GLU A 85 -16.23 53.54 39.21
CA GLU A 85 -15.96 54.33 40.40
C GLU A 85 -14.62 53.95 41.03
N ARG A 86 -13.78 54.95 41.27
CA ARG A 86 -12.43 54.73 41.76
C ARG A 86 -12.33 54.64 43.28
N PRO A 87 -11.61 53.63 43.78
CA PRO A 87 -11.39 53.39 45.22
C PRO A 87 -10.72 54.57 45.93
N ASN A 88 -10.05 55.44 45.19
CA ASN A 88 -9.38 56.58 45.80
C ASN A 88 -10.06 57.91 45.49
N ALA A 89 -11.37 57.85 45.25
CA ALA A 89 -12.17 59.05 45.06
C ALA A 89 -12.03 59.96 46.27
N VAL A 90 -12.09 61.26 46.04
CA VAL A 90 -11.80 62.22 47.10
C VAL A 90 -12.97 63.19 47.34
N ASP A 91 -13.37 63.32 48.60
CA ASP A 91 -14.32 64.35 49.00
C ASP A 91 -13.70 65.74 48.83
N THR A 92 -14.36 66.58 48.02
CA THR A 92 -13.82 67.89 47.69
C THR A 92 -14.78 69.02 48.03
N CYS A 93 -15.60 68.83 49.06
CA CYS A 93 -16.66 69.80 49.34
C CYS A 93 -17.13 69.80 50.80
N TYR A 94 -18.29 70.42 51.02
CA TYR A 94 -18.87 70.53 52.36
C TYR A 94 -19.31 69.14 52.82
N PRO A 95 -18.67 68.65 53.90
CA PRO A 95 -18.86 67.32 54.48
C PRO A 95 -20.31 66.93 54.70
N PHE A 96 -20.66 65.72 54.27
CA PHE A 96 -22.04 65.26 54.34
C PHE A 96 -22.16 63.80 54.73
N ASP A 97 -23.41 63.39 54.92
CA ASP A 97 -23.76 62.00 55.07
C ASP A 97 -25.08 61.80 54.34
N VAL A 98 -25.30 60.60 53.82
CA VAL A 98 -26.60 60.27 53.24
C VAL A 98 -27.17 59.09 54.03
N PRO A 99 -28.26 59.33 54.76
CA PRO A 99 -28.91 58.34 55.63
C PRO A 99 -29.07 56.96 54.96
N GLU A 100 -29.58 56.92 53.74
CA GLU A 100 -29.69 55.67 53.00
C GLU A 100 -28.68 55.67 51.86
N TYR A 101 -27.40 55.76 52.23
CA TYR A 101 -26.33 56.01 51.26
C TYR A 101 -26.28 54.97 50.14
N GLN A 102 -26.23 53.69 50.51
CA GLN A 102 -26.15 52.64 49.51
C GLN A 102 -27.37 52.64 48.58
N SER A 103 -28.53 53.07 49.09
CA SER A 103 -29.72 53.03 48.26
C SER A 103 -29.75 54.17 47.24
N LEU A 104 -29.18 55.32 47.60
CA LEU A 104 -29.10 56.43 46.67
C LEU A 104 -28.07 56.10 45.61
N ARG A 105 -26.94 55.55 46.06
CA ARG A 105 -25.88 55.13 45.16
C ARG A 105 -26.39 54.12 44.13
N SER A 106 -27.25 53.20 44.58
CA SER A 106 -27.82 52.17 43.71
C SER A 106 -28.73 52.77 42.65
N ILE A 107 -29.50 53.78 43.04
CA ILE A 107 -30.47 54.38 42.14
C ILE A 107 -29.76 55.17 41.05
N LEU A 108 -28.75 55.94 41.43
CA LEU A 108 -27.97 56.72 40.47
C LEU A 108 -27.27 55.80 39.48
N ALA A 109 -26.60 54.78 40.01
CA ALA A 109 -25.86 53.84 39.18
C ALA A 109 -26.76 53.10 38.19
N ASN A 110 -27.88 52.60 38.69
CA ASN A 110 -28.82 51.83 37.89
C ASN A 110 -29.51 52.70 36.84
N ASN A 111 -29.75 53.95 37.20
CA ASN A 111 -30.44 54.88 36.30
C ASN A 111 -29.64 55.11 35.03
N GLY A 112 -28.32 55.21 35.17
CA GLY A 112 -27.43 55.22 34.01
C GLY A 112 -27.04 56.54 33.37
N LYS A 113 -27.54 57.66 33.89
CA LYS A 113 -27.24 58.94 33.28
C LYS A 113 -27.30 60.11 34.26
N PHE A 114 -26.53 61.15 33.95
CA PHE A 114 -26.61 62.42 34.68
C PHE A 114 -27.20 63.50 33.76
N GLU A 115 -28.51 63.55 33.70
CA GLU A 115 -29.20 64.54 32.88
C GLU A 115 -29.97 65.49 33.79
N PHE A 116 -29.31 66.59 34.15
CA PHE A 116 -29.89 67.54 35.09
C PHE A 116 -30.74 68.58 34.37
N ILE A 117 -31.95 68.79 34.88
CA ILE A 117 -32.87 69.77 34.34
C ILE A 117 -33.06 70.93 35.32
N ALA A 118 -32.51 72.09 34.98
CA ALA A 118 -32.63 73.27 35.84
C ALA A 118 -34.04 73.84 35.83
N GLU A 119 -34.53 74.17 37.02
CA GLU A 119 -35.73 74.98 37.17
C GLU A 119 -35.51 75.88 38.39
N GLU A 120 -36.14 77.05 38.41
CA GLU A 120 -35.84 78.01 39.49
C GLU A 120 -37.00 78.13 40.48
N PHE A 121 -36.63 78.14 41.75
CA PHE A 121 -37.54 78.19 42.89
C PHE A 121 -37.62 79.59 43.50
N GLN A 122 -38.72 80.30 43.25
CA GLN A 122 -38.90 81.65 43.80
C GLN A 122 -38.86 81.67 45.34
N TRP A 123 -37.65 81.63 45.91
CA TRP A 123 -37.48 81.74 47.36
C TRP A 123 -37.77 83.17 47.81
N ASN A 124 -38.15 83.34 49.08
CA ASN A 124 -38.74 84.59 49.55
C ASN A 124 -37.74 85.71 49.86
N THR A 125 -37.55 85.98 51.15
CA THR A 125 -36.72 87.11 51.57
C THR A 125 -35.28 86.69 51.83
N VAL A 126 -35.01 85.41 51.60
CA VAL A 126 -33.76 84.79 52.04
C VAL A 126 -32.70 84.84 50.96
N LYS A 127 -31.45 84.89 51.38
CA LYS A 127 -30.34 84.92 50.44
C LYS A 127 -30.19 83.54 49.79
N GLN A 128 -29.46 83.46 48.69
CA GLN A 128 -29.22 82.21 48.01
C GLN A 128 -27.74 82.06 47.67
N ASN A 129 -27.35 80.88 47.22
CA ASN A 129 -25.99 80.62 46.73
C ASN A 129 -24.91 80.80 47.79
N GLY A 130 -25.21 80.36 49.01
CA GLY A 130 -24.23 80.33 50.08
C GLY A 130 -23.11 79.37 49.74
N LYS A 131 -21.88 79.76 50.06
CA LYS A 131 -20.70 78.97 49.71
C LYS A 131 -19.84 78.68 50.94
N SER A 132 -18.70 78.01 50.74
CA SER A 132 -17.86 77.55 51.84
C SER A 132 -16.41 77.32 51.43
N GLY A 133 -15.53 77.21 52.43
CA GLY A 133 -14.10 77.10 52.19
C GLY A 133 -13.57 75.68 52.30
N ALA A 134 -14.48 74.75 52.57
CA ALA A 134 -14.15 73.33 52.48
C ALA A 134 -14.65 72.81 51.13
N CYS A 135 -15.42 73.65 50.44
CA CYS A 135 -15.87 73.39 49.08
C CYS A 135 -15.39 74.48 48.13
N LYS A 136 -14.08 74.51 47.90
CA LYS A 136 -13.44 75.57 47.12
C LYS A 136 -13.22 75.13 45.67
N ARG A 137 -14.27 75.24 44.86
CA ARG A 137 -14.15 74.93 43.43
C ARG A 137 -13.26 75.94 42.76
N ALA A 138 -12.03 75.54 42.44
CA ALA A 138 -11.06 76.38 41.75
C ALA A 138 -10.98 77.80 42.31
N ASN A 139 -9.91 78.07 43.06
CA ASN A 139 -9.57 79.41 43.51
C ASN A 139 -10.58 80.17 44.41
N VAL A 140 -11.79 79.67 44.54
CA VAL A 140 -12.78 80.43 45.31
C VAL A 140 -13.75 79.53 46.08
N ASN A 141 -14.19 80.01 47.24
CA ASN A 141 -15.27 79.39 47.99
C ASN A 141 -16.47 79.11 47.09
N ASP A 142 -16.98 77.89 47.15
CA ASP A 142 -18.11 77.49 46.31
C ASP A 142 -18.99 76.50 47.06
N PHE A 143 -19.96 75.92 46.35
CA PHE A 143 -20.83 74.90 46.92
C PHE A 143 -21.12 73.79 45.90
N PHE A 144 -21.88 72.77 46.30
CA PHE A 144 -22.34 71.76 45.36
C PHE A 144 -23.12 72.46 44.26
N ASN A 145 -22.70 72.33 43.00
CA ASN A 145 -23.30 73.14 41.96
C ASN A 145 -24.75 72.71 41.61
N ARG A 146 -25.25 71.66 42.27
CA ARG A 146 -26.63 71.23 42.08
C ARG A 146 -27.47 71.67 43.28
N LEU A 147 -26.80 72.15 44.32
CA LEU A 147 -27.50 72.55 45.54
C LEU A 147 -27.31 74.05 45.84
N ASN A 148 -28.30 74.63 46.52
CA ASN A 148 -28.36 76.06 46.78
C ASN A 148 -28.51 76.35 48.27
N TRP A 149 -27.50 77.00 48.85
CA TRP A 149 -27.50 77.28 50.27
C TRP A 149 -28.23 78.58 50.61
N LEU A 150 -29.33 78.45 51.35
CA LEU A 150 -30.12 79.60 51.78
C LEU A 150 -29.66 80.06 53.16
N VAL A 151 -29.50 81.38 53.34
CA VAL A 151 -29.09 81.95 54.62
C VAL A 151 -29.81 83.27 54.86
N LYS A 152 -29.88 83.72 56.12
CA LYS A 152 -30.64 84.93 56.50
C LYS A 152 -30.66 86.05 55.51
N SER A 153 -31.82 86.67 55.45
CA SER A 153 -32.00 88.04 55.00
C SER A 153 -30.95 89.03 55.53
N ASP A 154 -30.92 90.17 54.85
CA ASP A 154 -30.20 91.32 55.35
C ASP A 154 -30.91 92.03 56.51
N GLY A 155 -31.97 91.41 57.00
CA GLY A 155 -32.74 91.99 58.10
C GLY A 155 -33.20 90.94 59.11
N ASN A 156 -32.46 89.84 59.16
CA ASN A 156 -32.72 88.71 60.05
C ASN A 156 -34.16 88.20 59.92
N ALA A 157 -34.56 87.93 58.69
CA ALA A 157 -35.87 87.38 58.36
C ALA A 157 -35.81 86.19 57.42
N TYR A 158 -36.21 85.04 57.95
CA TYR A 158 -36.46 83.89 57.10
C TYR A 158 -37.89 83.38 57.32
N PRO A 159 -38.83 83.81 56.45
CA PRO A 159 -40.25 83.45 56.53
C PRO A 159 -40.49 82.00 56.17
N LEU A 160 -41.53 81.37 56.75
CA LEU A 160 -41.88 80.01 56.36
C LEU A 160 -42.04 79.98 54.87
N GLN A 161 -41.35 79.02 54.26
CA GLN A 161 -41.27 78.99 52.82
C GLN A 161 -41.95 77.75 52.26
N ASN A 162 -43.08 77.93 51.58
CA ASN A 162 -43.70 76.79 50.91
C ASN A 162 -43.83 77.01 49.39
N LEU A 163 -42.96 76.33 48.65
CA LEU A 163 -43.00 76.31 47.19
C LEU A 163 -43.25 74.92 46.64
N THR A 164 -43.70 74.88 45.39
CA THR A 164 -44.16 73.63 44.79
C THR A 164 -43.87 73.57 43.30
N LYS A 165 -43.39 72.41 42.86
CA LYS A 165 -43.20 72.15 41.44
C LYS A 165 -44.06 70.97 41.04
N ILE A 166 -44.71 71.09 39.87
CA ILE A 166 -45.62 70.06 39.41
C ILE A 166 -45.04 69.31 38.21
N ASN A 167 -45.05 67.98 38.31
CA ASN A 167 -44.57 67.14 37.24
C ASN A 167 -45.66 66.85 36.23
N ASN A 168 -45.66 67.61 35.13
CA ASN A 168 -46.58 67.34 34.03
C ASN A 168 -45.85 66.66 32.90
N GLY A 169 -44.54 66.47 33.09
CA GLY A 169 -43.71 65.77 32.14
C GLY A 169 -44.04 64.29 32.00
N ASP A 170 -43.37 63.64 31.05
CA ASP A 170 -43.63 62.23 30.75
C ASP A 170 -42.62 61.30 31.40
N TYR A 171 -41.94 61.77 32.44
CA TYR A 171 -40.94 60.98 33.12
C TYR A 171 -40.90 61.29 34.61
N ALA A 172 -40.33 60.37 35.40
CA ALA A 172 -40.18 60.58 36.83
C ALA A 172 -38.94 61.41 37.10
N ARG A 173 -39.04 62.31 38.06
CA ARG A 173 -37.94 63.21 38.36
C ARG A 173 -37.29 62.83 39.68
N LEU A 174 -35.99 63.08 39.79
CA LEU A 174 -35.26 62.87 41.03
C LEU A 174 -34.76 64.18 41.62
N TYR A 175 -35.34 64.58 42.75
CA TYR A 175 -34.89 65.79 43.45
C TYR A 175 -33.97 65.39 44.60
N ILE A 176 -32.77 65.95 44.62
CA ILE A 176 -31.85 65.75 45.73
C ILE A 176 -31.74 67.04 46.55
N TRP A 177 -32.02 66.93 47.85
CA TRP A 177 -32.02 68.08 48.74
C TRP A 177 -31.28 67.77 50.03
N GLY A 178 -31.00 68.81 50.82
CA GLY A 178 -30.19 68.65 52.02
C GLY A 178 -30.73 69.37 53.24
N VAL A 179 -30.07 69.14 54.36
CA VAL A 179 -30.43 69.75 55.63
C VAL A 179 -29.15 70.04 56.39
N HIS A 180 -29.00 71.30 56.81
CA HIS A 180 -27.77 71.73 57.46
C HIS A 180 -27.77 71.40 58.96
N HIS A 181 -26.62 70.99 59.48
CA HIS A 181 -26.49 70.64 60.89
C HIS A 181 -25.38 71.43 61.60
N PRO A 182 -25.72 72.60 62.19
CA PRO A 182 -24.74 73.47 62.87
C PRO A 182 -24.20 72.91 64.20
N SER A 183 -23.07 73.44 64.66
CA SER A 183 -22.39 72.94 65.87
C SER A 183 -22.90 73.56 67.17
N THR A 184 -23.29 74.81 67.08
CA THR A 184 -23.60 75.58 68.28
C THR A 184 -24.97 76.16 68.13
N ASP A 185 -25.52 76.62 69.24
CA ASP A 185 -26.75 77.37 69.13
C ASP A 185 -26.44 78.74 68.58
N THR A 186 -25.19 79.21 68.70
CA THR A 186 -24.90 80.51 68.14
C THR A 186 -24.65 80.39 66.64
N GLU A 187 -23.87 79.40 66.19
CA GLU A 187 -23.80 79.10 64.75
C GLU A 187 -25.19 78.87 64.19
N GLN A 188 -26.00 78.14 64.96
CA GLN A 188 -27.42 77.93 64.63
C GLN A 188 -28.16 79.22 64.26
N THR A 189 -28.10 80.26 65.07
CA THR A 189 -28.85 81.48 64.70
C THR A 189 -27.98 82.59 64.12
N ASN A 190 -26.69 82.32 63.94
CA ASN A 190 -25.80 83.27 63.27
C ASN A 190 -26.04 83.35 61.76
N LEU A 191 -26.41 82.23 61.14
CA LEU A 191 -26.81 82.21 59.73
C LEU A 191 -28.30 81.89 59.55
N TYR A 192 -29.02 81.53 60.62
CA TYR A 192 -30.46 81.27 60.58
C TYR A 192 -31.32 81.70 61.77
N LYS A 193 -32.26 82.61 61.54
CA LYS A 193 -33.45 82.84 62.39
C LYS A 193 -33.62 81.95 63.66
N ASN A 194 -34.19 80.74 63.55
CA ASN A 194 -34.68 79.95 64.72
C ASN A 194 -33.75 79.05 65.54
N ASN A 195 -34.34 78.48 66.60
CA ASN A 195 -33.92 77.17 67.12
C ASN A 195 -35.11 76.50 67.86
N PRO A 196 -35.50 75.30 67.40
CA PRO A 196 -34.88 74.64 66.25
C PRO A 196 -35.40 75.00 64.84
N GLY A 197 -34.60 74.60 63.85
CA GLY A 197 -34.95 74.75 62.45
C GLY A 197 -35.69 73.52 61.96
N GLY A 198 -35.81 73.37 60.65
CA GLY A 198 -36.51 72.21 60.10
C GLY A 198 -36.91 72.30 58.65
N VAL A 199 -36.97 71.13 58.02
CA VAL A 199 -37.38 71.00 56.61
C VAL A 199 -38.40 69.88 56.45
N THR A 200 -39.37 70.08 55.56
CA THR A 200 -40.41 69.09 55.37
C THR A 200 -40.78 68.98 53.89
N VAL A 201 -40.24 67.98 53.21
CA VAL A 201 -40.55 67.76 51.81
C VAL A 201 -41.67 66.74 51.65
N SER A 202 -42.75 67.18 51.01
CA SER A 202 -43.91 66.34 50.83
C SER A 202 -44.17 66.04 49.36
N THR A 203 -44.68 64.84 49.08
CA THR A 203 -45.36 64.54 47.82
C THR A 203 -46.83 64.38 48.21
N LYS A 204 -47.72 64.00 47.30
CA LYS A 204 -49.10 63.75 47.72
C LYS A 204 -49.22 62.31 48.24
N THR A 205 -48.18 61.49 48.00
CA THR A 205 -48.10 60.16 48.61
C THR A 205 -47.37 60.25 49.93
N SER A 206 -46.23 60.93 49.94
CA SER A 206 -45.36 60.92 51.13
C SER A 206 -45.08 62.28 51.82
N GLN A 207 -44.53 62.21 53.03
CA GLN A 207 -43.93 63.34 53.77
C GLN A 207 -42.62 63.04 54.51
N THR A 208 -41.56 63.75 54.16
CA THR A 208 -40.34 63.58 54.94
C THR A 208 -39.98 64.84 55.74
N SER A 209 -39.65 64.65 57.01
CA SER A 209 -39.46 65.74 57.95
C SER A 209 -38.10 65.60 58.66
N VAL A 210 -37.30 66.67 58.71
CA VAL A 210 -36.04 66.62 59.47
C VAL A 210 -35.89 67.85 60.36
N VAL A 211 -35.47 67.64 61.61
CA VAL A 211 -35.00 68.75 62.43
C VAL A 211 -33.51 68.56 62.65
N PRO A 212 -32.74 69.63 62.46
CA PRO A 212 -31.28 69.63 62.55
C PRO A 212 -30.77 69.20 63.92
N ASN A 213 -29.49 68.85 63.97
CA ASN A 213 -28.85 68.36 65.18
C ASN A 213 -27.66 69.26 65.49
N ILE A 214 -27.51 69.65 66.75
CA ILE A 214 -26.53 70.68 67.11
C ILE A 214 -25.50 70.21 68.14
N GLY A 215 -24.25 70.03 67.71
CA GLY A 215 -23.23 69.61 68.66
C GLY A 215 -21.81 69.41 68.18
N SER A 216 -20.92 69.19 69.16
CA SER A 216 -19.51 68.93 68.91
C SER A 216 -19.33 67.75 68.00
N ARG A 217 -19.14 68.02 66.72
CA ARG A 217 -18.80 66.94 65.81
C ARG A 217 -17.32 67.02 65.52
N PRO A 218 -16.67 65.87 65.35
CA PRO A 218 -15.24 65.77 65.03
C PRO A 218 -14.85 66.63 63.82
N LEU A 219 -13.56 67.01 63.78
CA LEU A 219 -13.04 67.91 62.75
C LEU A 219 -11.72 67.44 62.10
N VAL A 220 -11.83 67.13 60.82
CA VAL A 220 -11.00 67.61 59.71
C VAL A 220 -12.27 68.13 59.02
N ARG A 221 -12.26 68.46 57.73
CA ARG A 221 -13.21 69.36 57.02
C ARG A 221 -12.83 70.81 57.25
N GLY A 222 -12.14 71.01 58.37
CA GLY A 222 -11.77 72.33 58.82
C GLY A 222 -12.96 72.90 59.55
N LEU A 223 -14.08 72.17 59.53
CA LEU A 223 -15.36 72.69 60.02
C LEU A 223 -16.07 71.76 60.97
N SER A 224 -17.14 72.22 61.59
CA SER A 224 -17.74 71.39 62.64
C SER A 224 -19.09 70.81 62.30
N SER A 225 -19.67 71.31 61.24
CA SER A 225 -21.05 71.03 60.90
C SER A 225 -21.14 70.11 59.70
N ARG A 226 -22.33 69.59 59.43
CA ARG A 226 -22.51 68.80 58.23
C ARG A 226 -23.79 69.09 57.51
N VAL A 227 -23.94 68.41 56.38
CA VAL A 227 -25.17 68.42 55.64
C VAL A 227 -25.66 66.99 55.54
N SER A 228 -26.97 66.79 55.69
CA SER A 228 -27.56 65.47 55.48
C SER A 228 -28.42 65.51 54.23
N PHE A 229 -28.09 64.67 53.26
CA PHE A 229 -28.77 64.68 51.96
C PHE A 229 -29.88 63.65 51.85
N TYR A 230 -30.94 64.05 51.16
CA TYR A 230 -32.11 63.22 50.97
C TYR A 230 -32.53 63.30 49.51
N TRP A 231 -33.41 62.40 49.08
CA TRP A 231 -33.94 62.50 47.72
C TRP A 231 -35.44 62.23 47.71
N THR A 232 -36.11 62.72 46.68
CA THR A 232 -37.52 62.44 46.48
C THR A 232 -37.76 62.17 45.00
N ILE A 233 -38.55 61.15 44.70
CA ILE A 233 -38.90 60.88 43.30
C ILE A 233 -40.32 61.35 43.04
N VAL A 234 -40.48 62.13 41.97
CA VAL A 234 -41.78 62.69 41.65
C VAL A 234 -42.28 62.13 40.33
N GLU A 235 -43.21 61.19 40.43
CA GLU A 235 -43.77 60.53 39.26
C GLU A 235 -44.60 61.49 38.43
N PRO A 236 -44.78 61.18 37.14
CA PRO A 236 -45.70 61.97 36.30
C PRO A 236 -47.10 62.04 36.92
N GLY A 237 -47.54 63.25 37.26
CA GLY A 237 -48.82 63.46 37.89
C GLY A 237 -48.72 63.61 39.39
N ASP A 238 -47.51 63.81 39.88
CA ASP A 238 -47.28 63.99 41.32
C ASP A 238 -46.65 65.37 41.59
N LEU A 239 -46.59 65.75 42.86
CA LEU A 239 -46.12 67.07 43.23
C LEU A 239 -45.08 66.97 44.34
N ILE A 240 -44.28 68.03 44.49
CA ILE A 240 -43.30 68.09 45.56
C ILE A 240 -43.30 69.45 46.26
N VAL A 241 -43.45 69.42 47.58
CA VAL A 241 -43.59 70.63 48.36
C VAL A 241 -42.45 70.77 49.37
N PHE A 242 -41.75 71.90 49.31
CA PHE A 242 -40.66 72.18 50.23
C PHE A 242 -41.07 73.18 51.33
N ASN A 243 -41.19 72.70 52.56
CA ASN A 243 -41.38 73.61 53.68
C ASN A 243 -40.22 73.62 54.63
N THR A 244 -39.99 74.80 55.18
CA THR A 244 -38.75 75.06 55.84
C THR A 244 -38.82 76.36 56.65
N ILE A 245 -38.79 76.18 57.96
CA ILE A 245 -38.58 77.28 58.87
C ILE A 245 -37.09 77.36 59.16
N GLY A 246 -36.29 76.68 58.33
CA GLY A 246 -34.85 76.75 58.44
C GLY A 246 -34.07 75.56 57.93
N ASN A 247 -32.81 75.82 57.56
CA ASN A 247 -31.76 74.82 57.36
C ASN A 247 -31.73 74.05 56.03
N LEU A 248 -32.57 74.42 55.07
CA LEU A 248 -32.68 73.65 53.83
C LEU A 248 -31.55 73.92 52.84
N ILE A 249 -30.80 72.88 52.51
CA ILE A 249 -29.93 72.93 51.36
C ILE A 249 -30.77 72.57 50.15
N ALA A 250 -31.48 73.56 49.62
CA ALA A 250 -32.46 73.37 48.56
C ALA A 250 -31.85 72.94 47.23
N PRO A 251 -32.65 72.29 46.37
CA PRO A 251 -32.22 71.85 45.03
C PRO A 251 -32.23 72.96 43.99
N ARG A 252 -31.48 72.76 42.90
CA ARG A 252 -31.49 73.67 41.77
C ARG A 252 -32.27 73.09 40.60
N GLY A 253 -32.89 71.93 40.83
CA GLY A 253 -33.64 71.24 39.79
C GLY A 253 -33.85 69.76 40.07
N HIS A 254 -33.90 68.98 39.00
CA HIS A 254 -34.13 67.55 39.12
C HIS A 254 -33.35 66.77 38.08
N TYR A 255 -32.96 65.54 38.44
CA TYR A 255 -32.37 64.62 37.48
C TYR A 255 -33.46 63.87 36.72
N LYS A 256 -33.23 63.67 35.42
CA LYS A 256 -34.13 62.84 34.62
C LYS A 256 -33.95 61.36 34.96
N LEU A 257 -35.06 60.67 35.20
CA LEU A 257 -35.01 59.22 35.40
C LEU A 257 -35.48 58.48 34.15
N ASN A 258 -34.67 57.53 33.68
CA ASN A 258 -35.11 56.61 32.64
C ASN A 258 -36.24 55.73 33.15
N ASN A 259 -37.22 55.45 32.30
CA ASN A 259 -38.27 54.52 32.68
C ASN A 259 -37.67 53.13 32.86
N GLN A 260 -36.86 52.72 31.89
CA GLN A 260 -36.09 51.49 31.98
C GLN A 260 -34.71 51.80 32.57
N LYS A 261 -34.37 51.16 33.68
CA LYS A 261 -33.05 51.37 34.25
C LYS A 261 -32.24 50.09 34.14
N LYS A 262 -31.20 50.12 33.31
CA LYS A 262 -30.45 48.91 33.02
C LYS A 262 -28.95 49.09 33.20
N SER A 263 -28.53 50.13 33.90
CA SER A 263 -27.10 50.37 34.05
C SER A 263 -26.64 49.90 35.41
N THR A 264 -25.35 50.02 35.65
CA THR A 264 -24.80 49.66 36.95
C THR A 264 -23.46 50.33 37.18
N ILE A 265 -22.88 50.02 38.34
CA ILE A 265 -21.63 50.61 38.77
C ILE A 265 -20.65 49.52 39.16
N LEU A 266 -19.38 49.75 38.85
CA LEU A 266 -18.31 48.85 39.20
C LEU A 266 -17.21 49.65 39.91
N ASN A 267 -16.80 49.21 41.10
CA ASN A 267 -15.79 49.95 41.85
C ASN A 267 -14.41 49.28 41.73
N THR A 268 -13.52 49.92 40.99
CA THR A 268 -12.19 49.36 40.77
C THR A 268 -11.17 50.43 40.37
N ALA A 269 -9.90 50.14 40.58
CA ALA A 269 -8.82 51.06 40.20
C ALA A 269 -8.21 50.71 38.85
N ILE A 270 -8.77 49.73 38.16
CA ILE A 270 -8.21 49.28 36.88
C ILE A 270 -8.37 50.35 35.80
N PRO A 271 -7.27 50.65 35.08
CA PRO A 271 -7.34 51.65 34.01
C PRO A 271 -8.17 51.20 32.83
N ILE A 272 -8.84 52.14 32.19
CA ILE A 272 -9.56 51.87 30.97
C ILE A 272 -8.59 51.86 29.79
N GLY A 273 -8.68 50.85 28.95
CA GLY A 273 -7.74 50.68 27.86
C GLY A 273 -8.38 50.80 26.48
N SER A 274 -7.98 49.92 25.57
CA SER A 274 -8.38 50.03 24.17
C SER A 274 -9.02 48.76 23.61
N CYS A 275 -9.01 47.69 24.39
CA CYS A 275 -9.51 46.39 23.96
C CYS A 275 -11.03 46.36 23.73
N VAL A 276 -11.54 45.23 23.24
CA VAL A 276 -12.98 45.02 23.09
C VAL A 276 -13.45 43.82 23.90
N SER A 277 -14.47 44.04 24.72
CA SER A 277 -15.00 43.01 25.61
C SER A 277 -16.27 43.45 26.29
N LYS A 278 -17.26 42.56 26.34
CA LYS A 278 -18.52 42.85 26.99
C LYS A 278 -18.58 42.35 28.43
N CYS A 279 -17.45 41.93 28.99
CA CYS A 279 -17.42 41.38 30.34
C CYS A 279 -16.35 42.01 31.21
N HIS A 280 -16.77 42.64 32.30
CA HIS A 280 -15.85 43.34 33.19
C HIS A 280 -15.90 42.82 34.62
N THR A 281 -14.73 42.50 35.17
CA THR A 281 -14.62 42.28 36.61
C THR A 281 -13.82 43.42 37.22
N ASP A 282 -13.82 43.49 38.55
CA ASP A 282 -13.07 44.53 39.25
C ASP A 282 -11.56 44.31 39.14
N LYS A 283 -11.13 43.14 38.68
CA LYS A 283 -9.72 42.88 38.43
C LYS A 283 -9.37 43.22 36.99
N GLY A 284 -10.38 43.56 36.19
CA GLY A 284 -10.16 43.84 34.78
C GLY A 284 -11.12 43.08 33.88
N SER A 285 -11.16 43.44 32.60
CA SER A 285 -12.06 42.80 31.65
C SER A 285 -11.65 41.35 31.34
N LEU A 286 -12.62 40.56 30.91
CA LEU A 286 -12.35 39.20 30.45
C LEU A 286 -12.58 39.12 28.96
N SER A 287 -11.66 38.47 28.25
CA SER A 287 -11.90 38.20 26.82
C SER A 287 -11.84 36.70 26.61
N THR A 288 -13.01 36.07 26.59
CA THR A 288 -13.06 34.61 26.61
C THR A 288 -14.37 34.09 26.02
N THR A 289 -14.36 32.83 25.58
CA THR A 289 -15.58 32.17 25.18
C THR A 289 -15.95 31.09 26.19
N LYS A 290 -15.10 30.90 27.20
CA LYS A 290 -15.33 29.91 28.24
C LYS A 290 -16.61 30.21 29.05
N PRO A 291 -17.30 29.15 29.49
CA PRO A 291 -18.56 29.27 30.26
C PRO A 291 -18.39 29.67 31.73
N PHE A 292 -17.19 29.47 32.28
CA PHE A 292 -16.97 29.73 33.70
C PHE A 292 -15.70 30.56 33.93
N GLN A 293 -15.62 31.22 35.08
CA GLN A 293 -14.46 32.02 35.44
C GLN A 293 -14.27 32.01 36.96
N ASN A 294 -13.02 32.05 37.41
CA ASN A 294 -12.71 32.03 38.85
C ASN A 294 -12.02 33.31 39.30
N ILE A 295 -12.15 34.34 38.48
CA ILE A 295 -11.41 35.58 38.69
C ILE A 295 -12.01 36.48 39.78
N SER A 296 -13.32 36.70 39.73
CA SER A 296 -14.00 37.51 40.76
C SER A 296 -15.50 37.28 40.71
N ARG A 297 -16.12 37.24 41.89
CA ARG A 297 -17.58 37.17 41.99
C ARG A 297 -18.23 38.49 41.55
N ILE A 298 -17.43 39.54 41.46
CA ILE A 298 -17.94 40.82 41.00
C ILE A 298 -17.75 40.90 39.50
N ALA A 299 -18.83 40.70 38.76
CA ALA A 299 -18.76 40.64 37.30
C ALA A 299 -19.98 41.28 36.65
N VAL A 300 -19.75 42.04 35.58
CA VAL A 300 -20.80 42.83 34.97
C VAL A 300 -20.74 42.73 33.46
N GLY A 301 -21.89 42.56 32.83
CA GLY A 301 -21.97 42.46 31.38
C GLY A 301 -22.34 41.06 30.90
N ASP A 302 -21.77 40.68 29.76
CA ASP A 302 -21.95 39.35 29.17
C ASP A 302 -20.78 38.47 29.60
N CYS A 303 -20.92 37.78 30.73
CA CYS A 303 -19.77 37.16 31.38
C CYS A 303 -19.92 35.65 31.55
N PRO A 304 -18.79 34.96 31.73
CA PRO A 304 -18.88 33.57 32.22
C PRO A 304 -19.43 33.55 33.64
N ARG A 305 -19.91 32.40 34.09
CA ARG A 305 -20.46 32.32 35.44
C ARG A 305 -19.33 32.11 36.45
N TYR A 306 -19.37 32.84 37.55
CA TYR A 306 -18.32 32.70 38.56
C TYR A 306 -18.43 31.37 39.28
N VAL A 307 -17.31 30.67 39.38
CA VAL A 307 -17.25 29.40 40.11
C VAL A 307 -16.00 29.37 41.00
N LYS A 308 -15.99 28.49 42.00
CA LYS A 308 -14.88 28.35 42.92
C LYS A 308 -13.64 27.66 42.33
N GLN A 309 -13.84 26.73 41.41
CA GLN A 309 -12.74 25.93 40.88
C GLN A 309 -11.82 26.72 39.96
N GLY A 310 -10.53 26.40 40.00
CA GLY A 310 -9.55 27.03 39.16
C GLY A 310 -9.40 26.38 37.79
N SER A 311 -9.90 25.16 37.65
CA SER A 311 -9.82 24.44 36.39
C SER A 311 -10.85 23.33 36.26
N LEU A 312 -11.51 23.28 35.11
CA LEU A 312 -12.44 22.20 34.79
C LEU A 312 -12.22 21.82 33.34
N LYS A 313 -11.59 20.68 33.12
CA LYS A 313 -11.25 20.28 31.78
C LYS A 313 -12.31 19.39 31.18
N LEU A 314 -12.80 19.81 30.01
CA LEU A 314 -13.77 19.05 29.25
C LEU A 314 -13.05 18.19 28.23
N ALA A 315 -13.29 16.89 28.25
CA ALA A 315 -12.68 16.00 27.27
C ALA A 315 -13.21 16.32 25.88
N THR A 316 -12.30 16.45 24.91
CA THR A 316 -12.69 16.62 23.52
C THR A 316 -12.09 15.53 22.64
N GLY A 317 -11.67 14.44 23.29
CA GLY A 317 -11.11 13.32 22.58
C GLY A 317 -11.30 12.02 23.32
N MET A 318 -10.89 10.92 22.69
CA MET A 318 -11.03 9.59 23.29
C MET A 318 -9.96 9.40 24.34
N ARG A 319 -10.03 8.30 25.08
CA ARG A 319 -8.97 7.96 26.01
C ARG A 319 -7.65 7.75 25.29
N ASN A 320 -6.58 8.26 25.90
CA ASN A 320 -5.25 8.17 25.30
C ASN A 320 -4.49 6.98 25.86
N ILE A 321 -4.26 5.98 25.02
CA ILE A 321 -3.47 4.82 25.42
C ILE A 321 -2.36 4.61 24.37
N PRO A 322 -1.22 5.29 24.58
CA PRO A 322 -0.09 5.28 23.64
C PRO A 322 0.66 3.94 23.55
N GLU A 323 1.67 3.92 22.67
CA GLU A 323 2.51 2.78 22.26
C GLU A 323 1.96 2.17 20.97
N GLY B 1 -14.53 2.39 28.76
CA GLY B 1 -15.88 2.71 28.35
C GLY B 1 -16.82 1.52 28.45
N LEU B 2 -18.09 1.75 28.11
CA LEU B 2 -19.13 0.74 28.24
C LEU B 2 -18.93 -0.44 27.30
N PHE B 3 -18.24 -0.23 26.18
CA PHE B 3 -18.15 -1.27 25.15
C PHE B 3 -16.90 -2.11 25.21
N GLY B 4 -15.86 -1.61 25.87
CA GLY B 4 -14.66 -2.39 26.09
C GLY B 4 -13.77 -2.54 24.89
N ALA B 5 -13.86 -1.60 23.95
CA ALA B 5 -12.96 -1.63 22.80
C ALA B 5 -11.69 -0.83 23.11
N ILE B 6 -11.84 0.49 23.24
CA ILE B 6 -10.72 1.34 23.64
C ILE B 6 -10.33 1.00 25.06
N ALA B 7 -9.03 0.83 25.28
CA ALA B 7 -8.51 0.31 26.56
C ALA B 7 -9.24 -0.96 26.95
N GLY B 8 -9.45 -1.83 25.97
CA GLY B 8 -10.15 -3.09 26.16
C GLY B 8 -9.55 -4.13 25.24
N PHE B 9 -10.34 -4.66 24.31
CA PHE B 9 -9.78 -5.69 23.42
C PHE B 9 -8.90 -5.07 22.33
N ILE B 10 -8.98 -3.76 22.14
CA ILE B 10 -7.89 -3.06 21.45
C ILE B 10 -6.92 -2.65 22.53
N GLU B 11 -5.71 -3.19 22.47
CA GLU B 11 -4.76 -3.04 23.57
C GLU B 11 -4.26 -1.61 23.75
N ASN B 12 -4.06 -0.92 22.65
CA ASN B 12 -3.61 0.47 22.69
C ASN B 12 -3.92 1.22 21.40
N GLY B 13 -3.68 2.53 21.41
CA GLY B 13 -3.85 3.36 20.24
C GLY B 13 -2.61 3.42 19.36
N TRP B 14 -2.76 4.07 18.20
CA TRP B 14 -1.73 4.18 17.18
C TRP B 14 -1.24 5.60 17.01
N GLN B 15 -0.02 5.86 17.46
CA GLN B 15 0.56 7.20 17.32
C GLN B 15 0.70 7.60 15.86
N GLY B 16 1.01 6.63 15.00
CA GLY B 16 1.18 6.88 13.57
C GLY B 16 -0.06 7.23 12.77
N LEU B 17 -1.24 6.97 13.33
CA LEU B 17 -2.47 7.40 12.68
C LEU B 17 -2.72 8.87 12.99
N ILE B 18 -2.33 9.75 12.07
CA ILE B 18 -2.36 11.18 12.39
C ILE B 18 -3.39 11.95 11.57
N ASP B 19 -4.15 11.26 10.74
CA ASP B 19 -5.15 11.95 9.94
C ASP B 19 -6.54 11.37 10.18
N GLY B 20 -6.70 10.69 11.30
CA GLY B 20 -8.00 10.16 11.68
C GLY B 20 -8.04 9.72 13.13
N TRP B 21 -9.25 9.56 13.65
CA TRP B 21 -9.41 9.09 15.02
C TRP B 21 -9.39 7.58 15.07
N TYR B 22 -9.96 6.97 14.02
CA TYR B 22 -10.03 5.52 13.83
C TYR B 22 -9.54 5.16 12.46
N GLY B 23 -9.12 3.90 12.30
CA GLY B 23 -8.65 3.43 11.01
C GLY B 23 -8.32 1.96 10.92
N PHE B 24 -7.76 1.58 9.78
CA PHE B 24 -7.41 0.19 9.48
C PHE B 24 -5.91 0.01 9.41
N ARG B 25 -5.44 -1.14 9.89
CA ARG B 25 -4.04 -1.53 9.72
C ARG B 25 -3.99 -2.96 9.24
N HIS B 26 -3.43 -3.20 8.06
CA HIS B 26 -3.50 -4.53 7.46
C HIS B 26 -2.13 -5.14 7.20
N GLN B 27 -2.15 -6.42 6.84
CA GLN B 27 -0.96 -7.11 6.37
C GLN B 27 -1.38 -8.17 5.37
N ASN B 28 -0.86 -8.07 4.15
CA ASN B 28 -1.11 -9.09 3.13
C ASN B 28 0.22 -9.53 2.48
N ALA B 29 0.15 -10.36 1.44
CA ALA B 29 1.38 -10.90 0.83
C ALA B 29 2.34 -9.79 0.35
N GLU B 30 1.81 -8.64 -0.01
CA GLU B 30 2.67 -7.60 -0.57
C GLU B 30 2.94 -6.41 0.37
N GLY B 31 2.65 -6.55 1.67
CA GLY B 31 3.00 -5.51 2.60
C GLY B 31 2.00 -5.13 3.69
N THR B 32 2.20 -3.93 4.27
CA THR B 32 1.38 -3.40 5.35
C THR B 32 0.95 -1.95 5.11
N GLY B 33 -0.20 -1.58 5.67
CA GLY B 33 -0.69 -0.22 5.52
C GLY B 33 -1.50 0.24 6.71
N THR B 34 -1.53 1.55 6.91
CA THR B 34 -2.40 2.14 7.93
C THR B 34 -3.19 3.24 7.25
N ALA B 35 -4.52 3.11 7.24
CA ALA B 35 -5.37 4.14 6.66
C ALA B 35 -6.50 4.56 7.62
N ALA B 36 -6.88 5.83 7.54
CA ALA B 36 -7.94 6.37 8.39
C ALA B 36 -9.32 6.03 7.88
N ASP B 37 -10.26 5.83 8.81
CA ASP B 37 -11.67 5.71 8.49
C ASP B 37 -12.37 7.05 8.75
N LEU B 38 -12.91 7.64 7.70
CA LEU B 38 -13.46 8.98 7.75
C LEU B 38 -14.82 9.03 8.44
N LYS B 39 -15.67 8.06 8.12
CA LYS B 39 -17.04 8.03 8.62
C LYS B 39 -17.08 7.92 10.14
N SER B 40 -16.32 6.97 10.68
CA SER B 40 -16.24 6.78 12.12
C SER B 40 -15.62 8.00 12.80
N THR B 41 -14.48 8.44 12.27
CA THR B 41 -13.82 9.64 12.76
C THR B 41 -14.77 10.84 12.78
N GLN B 42 -15.47 11.05 11.68
CA GLN B 42 -16.40 12.16 11.54
C GLN B 42 -17.57 12.06 12.53
N ALA B 43 -18.02 10.84 12.79
CA ALA B 43 -19.15 10.61 13.70
C ALA B 43 -18.78 10.98 15.13
N ALA B 44 -17.55 10.69 15.50
CA ALA B 44 -17.09 10.99 16.85
C ALA B 44 -16.88 12.49 17.00
N ILE B 45 -16.32 13.13 15.97
CA ILE B 45 -16.00 14.56 16.02
C ILE B 45 -17.26 15.40 16.06
N ASP B 46 -18.25 15.03 15.25
CA ASP B 46 -19.51 15.74 15.20
C ASP B 46 -20.21 15.72 16.56
N GLN B 47 -20.14 14.59 17.25
CA GLN B 47 -20.83 14.45 18.52
C GLN B 47 -20.12 15.22 19.63
N ILE B 48 -18.79 15.32 19.54
CA ILE B 48 -18.05 16.08 20.55
C ILE B 48 -18.13 17.58 20.31
N ASN B 49 -17.97 18.02 19.06
CA ASN B 49 -18.18 19.43 18.73
C ASN B 49 -19.60 19.88 19.06
N GLY B 50 -20.55 18.96 18.99
CA GLY B 50 -21.92 19.25 19.36
C GLY B 50 -22.06 19.66 20.82
N LYS B 51 -21.43 18.88 21.70
CA LYS B 51 -21.37 19.17 23.12
C LYS B 51 -20.75 20.54 23.36
N LEU B 52 -19.70 20.84 22.61
CA LEU B 52 -18.97 22.09 22.78
C LEU B 52 -19.82 23.30 22.43
N ASN B 53 -20.55 23.21 21.32
CA ASN B 53 -21.41 24.29 20.88
C ASN B 53 -22.57 24.56 21.84
N ARG B 54 -23.20 23.50 22.34
CA ARG B 54 -24.28 23.65 23.31
C ARG B 54 -23.77 24.34 24.57
N LEU B 55 -22.52 24.05 24.94
CA LEU B 55 -21.87 24.66 26.10
C LEU B 55 -21.52 26.11 25.86
N ILE B 56 -20.49 26.33 25.03
CA ILE B 56 -20.03 27.66 24.70
C ILE B 56 -21.18 28.44 24.04
N GLU B 57 -21.74 29.33 24.85
CA GLU B 57 -22.86 30.25 24.62
C GLU B 57 -24.11 29.71 25.34
N LYS B 58 -23.90 29.60 26.64
CA LYS B 58 -24.75 30.13 27.68
C LYS B 58 -25.29 31.52 27.34
N THR B 59 -26.08 32.06 28.25
CA THR B 59 -26.24 33.51 28.31
C THR B 59 -26.33 33.96 29.77
N ASN B 60 -25.33 34.73 30.16
CA ASN B 60 -25.26 35.28 31.50
C ASN B 60 -25.03 36.79 31.43
N ASP B 61 -26.03 37.50 30.94
CA ASP B 61 -25.90 38.94 30.69
C ASP B 61 -26.49 39.72 31.86
N LYS B 62 -25.64 40.10 32.80
CA LYS B 62 -26.09 40.71 34.05
C LYS B 62 -25.50 42.09 34.28
N TYR B 63 -26.34 43.04 34.71
CA TYR B 63 -25.83 44.37 34.94
C TYR B 63 -25.97 44.75 36.41
N HIS B 64 -27.08 45.37 36.78
CA HIS B 64 -27.23 45.79 38.16
C HIS B 64 -27.61 44.62 39.06
N GLN B 65 -26.77 44.30 40.02
CA GLN B 65 -26.99 43.14 40.88
C GLN B 65 -27.06 43.53 42.36
N ILE B 66 -26.08 43.09 43.16
CA ILE B 66 -25.97 43.50 44.57
C ILE B 66 -24.52 43.75 44.91
N GLU B 67 -24.30 44.47 46.01
CA GLU B 67 -22.96 44.64 46.57
C GLU B 67 -22.43 43.29 47.06
N LYS B 68 -21.15 43.04 46.83
CA LYS B 68 -20.56 41.75 47.17
C LYS B 68 -19.31 41.85 48.02
N GLU B 69 -18.79 43.08 48.19
CA GLU B 69 -17.65 43.31 49.07
C GLU B 69 -17.96 44.39 50.09
N PHE B 70 -17.56 44.16 51.33
CA PHE B 70 -17.89 45.09 52.41
C PHE B 70 -16.68 45.45 53.26
N GLU B 71 -16.63 46.71 53.68
CA GLU B 71 -15.56 47.20 54.55
C GLU B 71 -15.73 46.66 55.97
N GLN B 72 -16.81 47.10 56.62
CA GLN B 72 -17.16 46.66 57.96
C GLN B 72 -18.50 45.93 57.95
N VAL B 73 -18.72 45.06 58.93
CA VAL B 73 -20.00 44.36 59.05
C VAL B 73 -21.12 45.28 59.58
N GLU B 74 -22.34 45.04 59.13
CA GLU B 74 -23.53 45.82 59.50
C GLU B 74 -24.61 44.97 60.15
N GLY B 75 -24.48 43.65 60.06
CA GLY B 75 -25.49 42.78 60.62
C GLY B 75 -26.49 42.25 59.61
N ARG B 76 -27.77 42.30 59.98
CA ARG B 76 -28.82 41.51 59.33
C ARG B 76 -28.86 41.61 57.79
N ILE B 77 -28.93 42.84 57.27
CA ILE B 77 -29.06 43.03 55.85
C ILE B 77 -27.81 42.56 55.11
N GLN B 78 -26.65 42.82 55.69
CA GLN B 78 -25.40 42.41 55.08
C GLN B 78 -25.25 40.88 55.06
N ASP B 79 -25.71 40.25 56.13
CA ASP B 79 -25.62 38.79 56.26
C ASP B 79 -26.44 38.10 55.19
N LEU B 80 -27.62 38.64 54.93
CA LEU B 80 -28.49 38.09 53.90
C LEU B 80 -27.80 38.25 52.54
N GLU B 81 -27.29 39.45 52.25
CA GLU B 81 -26.58 39.70 50.99
C GLU B 81 -25.41 38.72 50.78
N LYS B 82 -24.59 38.53 51.81
CA LYS B 82 -23.47 37.62 51.72
C LYS B 82 -23.96 36.18 51.56
N TYR B 83 -24.98 35.80 52.31
CA TYR B 83 -25.50 34.44 52.26
C TYR B 83 -26.10 34.12 50.88
N VAL B 84 -26.79 35.09 50.29
CA VAL B 84 -27.38 34.96 48.97
C VAL B 84 -26.30 34.69 47.91
N GLU B 85 -25.25 35.49 47.90
CA GLU B 85 -24.17 35.31 46.92
C GLU B 85 -23.42 34.01 47.16
N ASP B 86 -23.15 33.69 48.42
CA ASP B 86 -22.45 32.45 48.72
C ASP B 86 -23.26 31.21 48.31
N THR B 87 -24.58 31.28 48.44
CA THR B 87 -25.45 30.17 48.02
C THR B 87 -25.42 30.01 46.50
N LYS B 88 -25.51 31.12 45.79
CA LYS B 88 -25.41 31.14 44.34
C LYS B 88 -24.10 30.52 43.84
N ILE B 89 -22.98 30.97 44.40
CA ILE B 89 -21.68 30.47 43.98
C ILE B 89 -21.52 28.95 44.19
N ASP B 90 -22.04 28.41 45.29
CA ASP B 90 -21.93 26.96 45.50
C ASP B 90 -22.79 26.17 44.53
N LEU B 91 -23.99 26.68 44.26
CA LEU B 91 -24.89 25.99 43.35
C LEU B 91 -24.32 25.96 41.92
N TRP B 92 -23.71 27.06 41.48
CA TRP B 92 -23.12 27.10 40.16
C TRP B 92 -21.82 26.32 40.10
N SER B 93 -21.08 26.32 41.21
CA SER B 93 -19.88 25.50 41.26
C SER B 93 -20.24 24.04 41.13
N TYR B 94 -21.29 23.64 41.84
CA TYR B 94 -21.76 22.26 41.77
C TYR B 94 -22.16 21.91 40.34
N ASN B 95 -22.89 22.82 39.69
CA ASN B 95 -23.38 22.59 38.33
C ASN B 95 -22.22 22.34 37.36
N ALA B 96 -21.18 23.16 37.46
CA ALA B 96 -20.04 23.06 36.56
C ALA B 96 -19.29 21.75 36.81
N GLU B 97 -19.21 21.35 38.07
CA GLU B 97 -18.50 20.14 38.45
C GLU B 97 -19.23 18.91 37.91
N LEU B 98 -20.55 18.90 38.09
CA LEU B 98 -21.34 17.77 37.63
C LEU B 98 -21.35 17.72 36.11
N LEU B 99 -21.49 18.88 35.48
CA LEU B 99 -21.62 18.96 34.03
C LEU B 99 -20.43 18.32 33.33
N VAL B 100 -19.24 18.77 33.72
CA VAL B 100 -18.00 18.29 33.12
C VAL B 100 -17.84 16.80 33.37
N ALA B 101 -18.17 16.33 34.57
CA ALA B 101 -18.11 14.91 34.88
C ALA B 101 -19.06 14.09 34.00
N LEU B 102 -20.30 14.56 33.83
CA LEU B 102 -21.27 13.87 32.98
C LEU B 102 -20.84 13.87 31.53
N GLU B 103 -20.46 15.05 31.06
CA GLU B 103 -20.05 15.21 29.67
C GLU B 103 -18.84 14.32 29.34
N ASN B 104 -17.86 14.29 30.23
CA ASN B 104 -16.66 13.50 30.00
C ASN B 104 -16.95 12.00 30.08
N GLN B 105 -17.83 11.59 30.99
CA GLN B 105 -18.20 10.20 31.06
C GLN B 105 -18.87 9.78 29.77
N HIS B 106 -19.68 10.68 29.22
CA HIS B 106 -20.39 10.38 27.98
C HIS B 106 -19.45 10.42 26.77
N THR B 107 -18.52 11.38 26.75
CA THR B 107 -17.59 11.52 25.65
C THR B 107 -16.75 10.26 25.50
N ILE B 108 -16.28 9.74 26.63
CA ILE B 108 -15.49 8.53 26.63
C ILE B 108 -16.31 7.35 26.10
N ASP B 109 -17.58 7.28 26.51
CA ASP B 109 -18.45 6.21 26.04
C ASP B 109 -18.75 6.31 24.54
N VAL B 110 -18.99 7.53 24.06
CA VAL B 110 -19.23 7.75 22.64
C VAL B 110 -18.03 7.28 21.80
N THR B 111 -16.81 7.60 22.25
CA THR B 111 -15.64 7.30 21.44
C THR B 111 -15.36 5.80 21.46
N ASP B 112 -15.53 5.18 22.62
CA ASP B 112 -15.45 3.72 22.75
C ASP B 112 -16.50 3.06 21.86
N SER B 113 -17.71 3.62 21.84
CA SER B 113 -18.79 3.13 20.99
C SER B 113 -18.47 3.24 19.49
N GLU B 114 -17.95 4.39 19.06
CA GLU B 114 -17.66 4.57 17.63
C GLU B 114 -16.59 3.58 17.16
N MET B 115 -15.62 3.31 18.03
CA MET B 115 -14.60 2.30 17.77
C MET B 115 -15.26 0.95 17.52
N ASN B 116 -16.15 0.56 18.44
CA ASN B 116 -16.85 -0.71 18.34
C ASN B 116 -17.74 -0.81 17.08
N LYS B 117 -18.40 0.28 16.72
CA LYS B 117 -19.23 0.32 15.51
C LYS B 117 -18.40 0.11 14.26
N LEU B 118 -17.18 0.64 14.26
CA LEU B 118 -16.27 0.42 13.14
C LEU B 118 -15.92 -1.07 13.05
N PHE B 119 -15.53 -1.64 14.18
CA PHE B 119 -15.16 -3.05 14.23
C PHE B 119 -16.32 -3.92 13.77
N GLU B 120 -17.52 -3.63 14.28
CA GLU B 120 -18.70 -4.44 13.93
C GLU B 120 -19.08 -4.30 12.46
N ARG B 121 -18.92 -3.10 11.91
CA ARG B 121 -19.12 -2.86 10.48
C ARG B 121 -18.24 -3.78 9.62
N VAL B 122 -16.96 -3.89 9.98
CA VAL B 122 -16.03 -4.66 9.18
C VAL B 122 -16.29 -6.15 9.35
N ARG B 123 -16.63 -6.55 10.58
CA ARG B 123 -17.02 -7.93 10.83
C ARG B 123 -18.14 -8.38 9.89
N ARG B 124 -19.14 -7.52 9.73
CA ARG B 124 -20.30 -7.87 8.92
C ARG B 124 -19.94 -7.94 7.43
N GLN B 125 -19.08 -7.04 6.95
CA GLN B 125 -18.63 -7.10 5.56
C GLN B 125 -17.97 -8.43 5.22
N LEU B 126 -17.22 -8.97 6.18
CA LEU B 126 -16.37 -10.12 5.92
C LEU B 126 -17.20 -11.40 5.83
N ARG B 127 -18.33 -11.43 6.53
CA ARG B 127 -19.19 -12.62 6.67
C ARG B 127 -18.35 -13.81 7.14
N GLU B 128 -18.39 -14.89 6.37
CA GLU B 128 -17.73 -16.15 6.71
C GLU B 128 -16.29 -16.25 6.18
N ASN B 129 -15.74 -15.16 5.67
CA ASN B 129 -14.40 -15.22 5.10
C ASN B 129 -13.30 -14.86 6.10
N ALA B 130 -13.66 -14.42 7.29
CA ALA B 130 -12.68 -14.03 8.30
C ALA B 130 -13.08 -14.46 9.71
N GLU B 131 -12.11 -14.49 10.61
CA GLU B 131 -12.33 -14.83 12.00
C GLU B 131 -11.74 -13.78 12.93
N ASP B 132 -12.51 -13.40 13.94
CA ASP B 132 -12.07 -12.43 14.95
C ASP B 132 -10.89 -13.03 15.70
N LYS B 133 -9.76 -12.33 15.71
CA LYS B 133 -8.59 -12.84 16.45
C LYS B 133 -8.64 -12.47 17.93
N GLY B 134 -9.36 -11.41 18.28
CA GLY B 134 -9.58 -11.05 19.68
C GLY B 134 -8.93 -9.75 20.15
N ASN B 135 -8.10 -9.16 19.30
CA ASN B 135 -7.39 -7.92 19.59
C ASN B 135 -7.79 -6.81 18.63
N GLY B 136 -9.00 -6.89 18.10
CA GLY B 136 -9.48 -5.94 17.13
C GLY B 136 -9.05 -6.26 15.72
N CYS B 137 -8.57 -7.49 15.52
CA CYS B 137 -8.05 -7.92 14.23
C CYS B 137 -8.79 -9.13 13.66
N PHE B 138 -8.97 -9.11 12.36
CA PHE B 138 -9.53 -10.24 11.66
C PHE B 138 -8.46 -10.98 10.88
N GLU B 139 -8.46 -12.30 11.02
CA GLU B 139 -7.69 -13.14 10.13
C GLU B 139 -8.53 -13.42 8.88
N ILE B 140 -8.04 -12.98 7.73
CA ILE B 140 -8.73 -13.17 6.46
C ILE B 140 -8.24 -14.46 5.80
N PHE B 141 -9.16 -15.37 5.50
CA PHE B 141 -8.75 -16.70 5.06
C PHE B 141 -8.73 -16.85 3.55
N HIS B 142 -8.25 -15.81 2.87
CA HIS B 142 -8.09 -15.85 1.43
C HIS B 142 -7.07 -14.79 1.05
N LYS B 143 -6.41 -14.98 -0.09
CA LYS B 143 -5.49 -13.98 -0.61
C LYS B 143 -6.22 -12.66 -0.82
N CYS B 144 -5.65 -11.59 -0.31
CA CYS B 144 -6.31 -10.28 -0.34
C CYS B 144 -5.28 -9.20 -0.66
N ASP B 145 -5.11 -8.91 -1.95
CA ASP B 145 -4.19 -7.87 -2.39
C ASP B 145 -4.68 -6.47 -2.02
N ASN B 146 -3.95 -5.44 -2.44
CA ASN B 146 -4.24 -4.08 -2.03
C ASN B 146 -5.60 -3.56 -2.47
N ASN B 147 -6.04 -3.95 -3.67
CA ASN B 147 -7.37 -3.58 -4.11
C ASN B 147 -8.45 -4.26 -3.25
N CYS B 148 -8.12 -5.43 -2.73
CA CYS B 148 -9.06 -6.19 -1.92
C CYS B 148 -9.20 -5.55 -0.54
N ILE B 149 -8.06 -5.25 0.08
CA ILE B 149 -8.02 -4.48 1.32
C ILE B 149 -8.78 -3.15 1.18
N GLU B 150 -8.50 -2.42 0.10
CA GLU B 150 -9.18 -1.16 -0.11
C GLU B 150 -10.69 -1.37 -0.26
N SER B 151 -11.09 -2.45 -0.91
CA SER B 151 -12.52 -2.72 -1.11
C SER B 151 -13.22 -2.93 0.25
N ILE B 152 -12.49 -3.52 1.19
CA ILE B 152 -12.95 -3.64 2.57
C ILE B 152 -13.10 -2.27 3.23
N ARG B 153 -12.09 -1.42 3.07
CA ARG B 153 -12.09 -0.10 3.71
C ARG B 153 -13.15 0.86 3.16
N ASN B 154 -13.42 0.80 1.84
CA ASN B 154 -14.39 1.72 1.24
C ASN B 154 -15.77 1.08 1.15
N GLY B 155 -15.89 -0.13 1.68
CA GLY B 155 -17.18 -0.79 1.80
C GLY B 155 -17.76 -1.44 0.54
N THR B 156 -16.91 -1.81 -0.42
CA THR B 156 -17.37 -2.42 -1.66
C THR B 156 -17.04 -3.92 -1.74
N TYR B 157 -16.29 -4.40 -0.76
CA TYR B 157 -15.92 -5.81 -0.65
C TYR B 157 -17.14 -6.72 -0.79
N ASP B 158 -17.02 -7.68 -1.70
CA ASP B 158 -18.09 -8.63 -1.96
C ASP B 158 -17.64 -10.01 -1.54
N HIS B 159 -18.23 -10.51 -0.45
CA HIS B 159 -17.74 -11.71 0.19
C HIS B 159 -17.92 -12.95 -0.68
N ASP B 160 -18.89 -12.91 -1.59
CA ASP B 160 -19.16 -14.07 -2.45
C ASP B 160 -17.99 -14.39 -3.40
N ILE B 161 -17.19 -13.40 -3.77
CA ILE B 161 -16.03 -13.62 -4.63
C ILE B 161 -15.04 -14.59 -4.01
N TYR B 162 -14.87 -14.49 -2.69
CA TYR B 162 -13.81 -15.22 -1.99
C TYR B 162 -14.31 -16.37 -1.10
N ARG B 163 -15.62 -16.51 -0.96
CA ARG B 163 -16.18 -17.43 0.03
C ARG B 163 -15.71 -18.88 -0.15
N ASP B 164 -15.70 -19.37 -1.38
CA ASP B 164 -15.20 -20.73 -1.63
C ASP B 164 -13.78 -20.89 -1.12
N GLU B 165 -12.88 -19.99 -1.53
CA GLU B 165 -11.51 -20.04 -1.05
C GLU B 165 -11.45 -19.96 0.48
N ALA B 166 -12.28 -19.09 1.07
CA ALA B 166 -12.23 -18.84 2.49
C ALA B 166 -12.78 -20.01 3.34
N ILE B 167 -13.92 -20.56 2.93
CA ILE B 167 -14.52 -21.68 3.64
C ILE B 167 -13.55 -22.87 3.61
N ASN B 168 -12.87 -23.04 2.46
CA ASN B 168 -11.92 -24.15 2.33
C ASN B 168 -10.87 -24.10 3.40
N ASN B 169 -10.29 -22.91 3.50
CA ASN B 169 -9.11 -22.64 4.33
C ASN B 169 -9.44 -22.70 5.81
N ARG B 170 -10.63 -22.21 6.17
CA ARG B 170 -11.06 -22.21 7.57
C ARG B 170 -11.29 -23.63 8.10
N PHE B 171 -11.91 -24.47 7.29
CA PHE B 171 -12.45 -25.74 7.79
C PHE B 171 -11.77 -26.99 7.24
N GLN B 172 -10.72 -26.80 6.44
CA GLN B 172 -9.95 -27.93 5.89
C GLN B 172 -8.47 -27.59 5.83
N GLY C 5 13.37 14.13 6.82
CA GLY C 5 12.88 13.28 5.74
C GLY C 5 13.49 11.89 5.75
N ASN C 6 12.62 10.88 5.72
CA ASN C 6 13.03 9.49 5.90
C ASN C 6 12.17 8.34 5.29
N PRO C 7 11.25 8.63 4.36
CA PRO C 7 10.79 7.43 3.65
C PRO C 7 11.90 6.81 2.79
N VAL C 8 11.80 5.50 2.52
CA VAL C 8 12.85 4.75 1.82
C VAL C 8 12.25 3.88 0.70
N ILE C 9 12.89 3.87 -0.47
CA ILE C 9 12.48 2.92 -1.51
C ILE C 9 13.65 2.06 -1.97
N CYS C 10 13.41 0.75 -2.03
CA CYS C 10 14.46 -0.22 -2.35
C CYS C 10 14.21 -0.97 -3.67
N MET C 11 15.25 -1.11 -4.47
CA MET C 11 15.18 -1.90 -5.69
C MET C 11 15.78 -3.27 -5.46
N GLY C 12 15.08 -4.32 -5.88
CA GLY C 12 15.55 -5.67 -5.64
C GLY C 12 15.13 -6.66 -6.70
N HIS C 13 15.38 -7.94 -6.43
CA HIS C 13 15.08 -9.00 -7.37
C HIS C 13 14.50 -10.23 -6.65
N HIS C 14 13.96 -11.18 -7.41
CA HIS C 14 13.28 -12.32 -6.82
C HIS C 14 14.30 -13.37 -6.40
N ALA C 15 13.81 -14.35 -5.65
CA ALA C 15 14.60 -15.51 -5.28
C ALA C 15 13.66 -16.63 -4.92
N VAL C 16 14.18 -17.83 -4.89
CA VAL C 16 13.43 -18.98 -4.39
C VAL C 16 14.29 -19.67 -3.33
N ALA C 17 13.69 -20.62 -2.62
CA ALA C 17 14.38 -21.33 -1.54
C ALA C 17 15.57 -22.14 -2.04
N ASN C 18 15.34 -22.99 -3.02
CA ASN C 18 16.38 -23.86 -3.55
C ASN C 18 16.42 -23.77 -5.06
N GLY C 19 17.54 -23.28 -5.60
CA GLY C 19 17.68 -23.12 -7.04
C GLY C 19 18.41 -24.30 -7.66
N THR C 20 18.96 -24.10 -8.85
CA THR C 20 19.68 -25.15 -9.60
C THR C 20 21.13 -24.77 -9.92
N MET C 21 22.05 -25.71 -9.74
CA MET C 21 23.46 -25.43 -10.03
C MET C 21 23.74 -25.45 -11.54
N VAL C 22 24.52 -24.48 -12.00
CA VAL C 22 24.97 -24.45 -13.40
C VAL C 22 26.44 -24.12 -13.48
N LYS C 23 27.02 -24.31 -14.66
CA LYS C 23 28.42 -23.99 -14.90
C LYS C 23 28.56 -22.71 -15.71
N THR C 24 29.64 -21.96 -15.44
CA THR C 24 30.02 -20.81 -16.23
C THR C 24 31.46 -21.02 -16.68
N LEU C 25 32.05 -20.04 -17.36
CA LEU C 25 33.46 -20.12 -17.69
C LEU C 25 34.28 -20.18 -16.40
N ALA C 26 33.86 -19.38 -15.42
CA ALA C 26 34.58 -19.24 -14.16
C ALA C 26 34.27 -20.36 -13.17
N ASP C 27 33.00 -20.54 -12.87
CA ASP C 27 32.54 -21.36 -11.75
C ASP C 27 31.81 -22.60 -12.23
N ASP C 28 32.05 -23.75 -11.60
CA ASP C 28 31.39 -24.98 -12.04
C ASP C 28 30.15 -25.30 -11.22
N GLN C 29 29.87 -24.50 -10.21
CA GLN C 29 28.62 -24.63 -9.44
C GLN C 29 28.12 -23.26 -8.98
N VAL C 30 27.20 -22.72 -9.76
CA VAL C 30 26.53 -21.47 -9.45
C VAL C 30 25.05 -21.72 -9.36
N GLU C 31 24.39 -21.19 -8.33
CA GLU C 31 22.98 -21.44 -8.16
C GLU C 31 22.18 -20.35 -8.87
N VAL C 32 21.27 -20.76 -9.74
CA VAL C 32 20.39 -19.82 -10.42
C VAL C 32 18.94 -20.17 -10.11
N VAL C 33 18.03 -19.23 -10.36
CA VAL C 33 16.63 -19.42 -9.98
C VAL C 33 15.99 -20.55 -10.78
N THR C 34 16.20 -20.56 -12.10
CA THR C 34 15.72 -21.64 -12.96
C THR C 34 16.78 -22.07 -13.96
N ALA C 35 16.70 -23.32 -14.39
CA ALA C 35 17.57 -23.84 -15.43
C ALA C 35 16.83 -24.86 -16.27
N GLN C 36 17.33 -25.09 -17.47
CA GLN C 36 16.75 -26.07 -18.39
C GLN C 36 17.85 -27.05 -18.79
N GLU C 37 17.53 -28.34 -18.78
CA GLU C 37 18.48 -29.39 -19.17
C GLU C 37 18.55 -29.49 -20.69
N LEU C 38 19.76 -29.53 -21.24
CA LEU C 38 19.92 -29.59 -22.70
C LEU C 38 20.34 -30.96 -23.23
N VAL C 39 20.66 -31.88 -22.32
CA VAL C 39 20.97 -33.25 -22.71
C VAL C 39 19.80 -34.20 -22.44
N GLU C 40 19.24 -34.75 -23.51
CA GLU C 40 18.22 -35.79 -23.41
C GLU C 40 18.82 -37.13 -22.98
N SER C 41 18.41 -37.62 -21.81
CA SER C 41 18.90 -38.90 -21.29
C SER C 41 17.79 -39.94 -21.11
N GLN C 42 16.60 -39.64 -21.63
CA GLN C 42 15.51 -40.60 -21.63
C GLN C 42 15.19 -41.00 -23.07
N ASN C 43 14.93 -42.29 -23.29
CA ASN C 43 14.39 -42.74 -24.56
C ASN C 43 13.11 -43.54 -24.37
N LEU C 44 12.27 -43.57 -25.40
CA LEU C 44 11.10 -44.45 -25.40
C LEU C 44 11.54 -45.91 -25.56
N PRO C 45 10.79 -46.85 -24.97
CA PRO C 45 11.14 -48.27 -25.09
C PRO C 45 10.66 -48.91 -26.40
N GLU C 46 10.28 -48.07 -27.36
CA GLU C 46 9.77 -48.55 -28.65
C GLU C 46 10.26 -47.67 -29.80
N LEU C 47 10.15 -48.16 -31.04
CA LEU C 47 10.45 -47.36 -32.23
C LEU C 47 9.15 -46.81 -32.81
N CYS C 48 9.13 -45.51 -33.11
CA CYS C 48 7.93 -44.87 -33.66
C CYS C 48 7.78 -45.07 -35.18
N PRO C 49 6.63 -45.61 -35.61
CA PRO C 49 6.43 -45.99 -37.02
C PRO C 49 6.02 -44.81 -37.89
N SER C 50 5.99 -43.62 -37.31
CA SER C 50 5.59 -42.41 -38.01
C SER C 50 6.40 -41.25 -37.44
N PRO C 51 6.74 -40.24 -38.26
CA PRO C 51 6.46 -40.02 -39.68
C PRO C 51 7.46 -40.62 -40.66
N LEU C 52 8.52 -41.25 -40.17
CA LEU C 52 9.44 -41.97 -41.04
C LEU C 52 8.88 -43.36 -41.33
N ARG C 53 9.05 -43.85 -42.56
CA ARG C 53 8.59 -45.19 -42.90
C ARG C 53 9.58 -46.23 -42.42
N LEU C 54 9.16 -47.02 -41.43
CA LEU C 54 9.99 -48.13 -40.98
C LEU C 54 9.50 -49.43 -41.60
N VAL C 55 10.45 -50.24 -42.07
CA VAL C 55 10.14 -51.59 -42.49
C VAL C 55 10.87 -52.53 -41.55
N ASP C 56 10.11 -53.42 -40.91
CA ASP C 56 10.64 -54.39 -39.97
C ASP C 56 11.01 -55.69 -40.69
N GLY C 57 12.30 -56.01 -40.71
CA GLY C 57 12.78 -57.19 -41.41
C GLY C 57 12.40 -58.47 -40.71
N GLN C 58 12.06 -58.36 -39.43
CA GLN C 58 11.70 -59.51 -38.60
C GLN C 58 12.80 -60.56 -38.60
N THR C 59 12.56 -61.68 -39.26
CA THR C 59 13.52 -62.78 -39.25
C THR C 59 14.57 -62.69 -40.36
N CYS C 60 14.36 -61.84 -41.36
CA CYS C 60 15.36 -61.65 -42.41
C CYS C 60 16.20 -60.42 -42.14
N ASP C 61 17.51 -60.52 -42.36
CA ASP C 61 18.33 -59.32 -42.42
C ASP C 61 18.18 -58.80 -43.84
N ILE C 62 18.72 -57.64 -44.13
CA ILE C 62 18.46 -57.02 -45.42
C ILE C 62 19.10 -57.82 -46.58
N ILE C 63 20.21 -58.49 -46.32
CA ILE C 63 20.86 -59.31 -47.35
C ILE C 63 19.97 -60.49 -47.72
N ASN C 64 19.47 -61.21 -46.72
CA ASN C 64 18.58 -62.33 -46.99
C ASN C 64 17.28 -61.90 -47.64
N GLY C 65 16.75 -60.73 -47.25
CA GLY C 65 15.58 -60.19 -47.88
C GLY C 65 15.80 -59.94 -49.37
N ALA C 66 17.00 -59.47 -49.72
CA ALA C 66 17.32 -59.16 -51.11
C ALA C 66 17.51 -60.43 -51.93
N LEU C 67 18.05 -61.46 -51.31
CA LEU C 67 18.30 -62.73 -52.00
C LEU C 67 16.99 -63.48 -52.20
N GLY C 68 16.04 -63.25 -51.31
CA GLY C 68 14.75 -63.92 -51.39
C GLY C 68 14.77 -65.26 -50.68
N SER C 69 15.44 -65.30 -49.53
CA SER C 69 15.42 -66.47 -48.67
C SER C 69 14.00 -66.71 -48.14
N PRO C 70 13.70 -67.96 -47.75
CA PRO C 70 12.41 -68.27 -47.12
C PRO C 70 12.18 -67.43 -45.87
N GLY C 71 10.98 -66.85 -45.76
CA GLY C 71 10.65 -66.03 -44.61
C GLY C 71 10.71 -64.55 -44.93
N CYS C 72 11.15 -64.21 -46.14
CA CYS C 72 11.39 -62.83 -46.52
C CYS C 72 10.40 -62.32 -47.57
N ASP C 73 9.26 -63.00 -47.71
CA ASP C 73 8.27 -62.59 -48.69
C ASP C 73 7.60 -61.28 -48.29
N HIS C 74 7.48 -61.06 -46.99
CA HIS C 74 6.88 -59.82 -46.51
C HIS C 74 7.68 -58.59 -46.93
N LEU C 75 8.92 -58.79 -47.37
CA LEU C 75 9.80 -57.67 -47.75
C LEU C 75 9.68 -57.32 -49.24
N ASN C 76 8.99 -58.16 -50.01
CA ASN C 76 8.79 -57.88 -51.43
C ASN C 76 8.04 -56.56 -51.63
N GLY C 77 8.54 -55.71 -52.52
CA GLY C 77 7.91 -54.44 -52.81
C GLY C 77 8.08 -53.36 -51.74
N ALA C 78 8.67 -53.73 -50.60
CA ALA C 78 8.79 -52.84 -49.44
C ALA C 78 9.61 -51.58 -49.75
N GLU C 79 9.17 -50.45 -49.21
CA GLU C 79 9.87 -49.19 -49.32
C GLU C 79 10.07 -48.61 -47.93
N TRP C 80 11.24 -48.01 -47.67
CA TRP C 80 11.52 -47.55 -46.32
C TRP C 80 12.40 -46.32 -46.27
N ASP C 81 12.23 -45.55 -45.20
CA ASP C 81 13.19 -44.55 -44.81
C ASP C 81 14.28 -45.23 -43.99
N VAL C 82 13.84 -46.07 -43.05
CA VAL C 82 14.75 -46.78 -42.16
C VAL C 82 14.39 -48.25 -42.09
N PHE C 83 15.31 -49.09 -42.55
CA PHE C 83 15.14 -50.53 -42.48
C PHE C 83 15.53 -51.02 -41.10
N ILE C 84 14.59 -51.68 -40.42
CA ILE C 84 14.83 -52.16 -39.05
C ILE C 84 15.24 -53.63 -39.08
N GLU C 85 16.53 -53.87 -38.86
CA GLU C 85 17.12 -55.19 -39.01
C GLU C 85 17.30 -55.80 -37.63
N ARG C 86 16.80 -57.01 -37.43
CA ARG C 86 16.80 -57.62 -36.10
C ARG C 86 18.06 -58.44 -35.82
N PRO C 87 18.65 -58.26 -34.63
CA PRO C 87 19.80 -59.02 -34.15
C PRO C 87 19.58 -60.52 -34.17
N ASN C 88 18.36 -60.97 -33.90
CA ASN C 88 18.10 -62.40 -33.84
C ASN C 88 17.65 -62.98 -35.18
N ALA C 89 18.00 -62.29 -36.27
CA ALA C 89 17.70 -62.80 -37.61
C ALA C 89 18.37 -64.15 -37.85
N VAL C 90 17.76 -64.93 -38.74
CA VAL C 90 18.12 -66.33 -38.91
C VAL C 90 18.34 -66.66 -40.38
N ASP C 91 19.46 -67.31 -40.69
CA ASP C 91 19.63 -67.87 -42.03
C ASP C 91 18.65 -69.02 -42.26
N THR C 92 17.93 -68.96 -43.38
CA THR C 92 16.91 -69.96 -43.69
C THR C 92 17.18 -70.66 -45.02
N CYS C 93 18.37 -70.46 -45.57
CA CYS C 93 18.64 -70.91 -46.92
C CYS C 93 20.03 -71.51 -47.04
N TYR C 94 20.54 -71.61 -48.26
CA TYR C 94 21.86 -72.18 -48.53
C TYR C 94 22.94 -71.35 -47.84
N PRO C 95 23.91 -72.03 -47.19
CA PRO C 95 25.06 -71.34 -46.59
C PRO C 95 25.80 -70.49 -47.61
N PHE C 96 25.96 -69.20 -47.32
CA PHE C 96 26.57 -68.28 -48.27
C PHE C 96 27.49 -67.26 -47.61
N ASP C 97 28.26 -66.58 -48.45
CA ASP C 97 29.10 -65.47 -48.01
C ASP C 97 29.02 -64.37 -49.06
N VAL C 98 29.27 -63.12 -48.65
CA VAL C 98 29.39 -62.02 -49.59
C VAL C 98 30.74 -61.34 -49.42
N PRO C 99 31.64 -61.51 -50.41
CA PRO C 99 32.99 -60.94 -50.38
C PRO C 99 33.05 -59.50 -49.87
N GLU C 100 32.12 -58.65 -50.30
CA GLU C 100 32.11 -57.25 -49.80
C GLU C 100 30.81 -56.99 -49.07
N TYR C 101 30.53 -57.83 -48.08
CA TYR C 101 29.24 -57.90 -47.38
C TYR C 101 28.72 -56.55 -46.95
N GLN C 102 29.53 -55.80 -46.21
CA GLN C 102 29.06 -54.54 -45.66
C GLN C 102 28.77 -53.52 -46.76
N SER C 103 29.43 -53.61 -47.92
CA SER C 103 29.15 -52.65 -48.99
C SER C 103 27.83 -52.94 -49.72
N LEU C 104 27.49 -54.22 -49.85
CA LEU C 104 26.21 -54.60 -50.42
C LEU C 104 25.08 -54.21 -49.49
N ARG C 105 25.30 -54.48 -48.21
CA ARG C 105 24.31 -54.18 -47.20
C ARG C 105 24.03 -52.67 -47.17
N SER C 106 25.08 -51.89 -47.44
CA SER C 106 24.95 -50.43 -47.44
C SER C 106 24.15 -49.93 -48.64
N ILE C 107 24.39 -50.52 -49.80
CA ILE C 107 23.73 -50.15 -51.04
C ILE C 107 22.23 -50.48 -50.97
N LEU C 108 21.90 -51.67 -50.49
CA LEU C 108 20.50 -52.04 -50.30
C LEU C 108 19.80 -51.15 -49.28
N ALA C 109 20.49 -50.86 -48.18
CA ALA C 109 19.89 -50.04 -47.12
C ALA C 109 19.66 -48.61 -47.57
N ASN C 110 20.69 -48.04 -48.21
CA ASN C 110 20.65 -46.66 -48.69
C ASN C 110 19.63 -46.47 -49.81
N ASN C 111 19.59 -47.43 -50.73
CA ASN C 111 18.65 -47.38 -51.85
C ASN C 111 17.20 -47.22 -51.40
N GLY C 112 16.78 -48.02 -50.42
CA GLY C 112 15.52 -47.78 -49.74
C GLY C 112 14.27 -48.51 -50.20
N LYS C 113 14.40 -49.39 -51.18
CA LYS C 113 13.24 -50.18 -51.61
C LYS C 113 13.68 -51.52 -52.17
N PHE C 114 12.78 -52.49 -52.10
CA PHE C 114 12.95 -53.78 -52.79
C PHE C 114 11.93 -53.88 -53.93
N GLU C 115 12.29 -53.35 -55.09
CA GLU C 115 11.40 -53.37 -56.24
C GLU C 115 11.99 -54.25 -57.34
N PHE C 116 11.62 -55.52 -57.35
CA PHE C 116 12.23 -56.48 -58.25
C PHE C 116 11.53 -56.57 -59.60
N ILE C 117 12.32 -56.54 -60.67
CA ILE C 117 11.78 -56.63 -62.02
C ILE C 117 12.20 -57.92 -62.70
N ALA C 118 11.27 -58.86 -62.82
CA ALA C 118 11.54 -60.12 -63.51
C ALA C 118 12.01 -59.89 -64.95
N GLU C 119 13.05 -60.64 -65.32
CA GLU C 119 13.50 -60.71 -66.70
C GLU C 119 13.66 -62.18 -67.06
N GLU C 120 13.38 -62.54 -68.30
CA GLU C 120 13.58 -63.92 -68.69
C GLU C 120 14.96 -64.07 -69.32
N PHE C 121 15.74 -64.98 -68.77
CA PHE C 121 17.03 -65.32 -69.31
C PHE C 121 16.85 -66.62 -70.07
N GLN C 122 17.51 -66.75 -71.21
CA GLN C 122 17.39 -67.98 -72.00
C GLN C 122 18.66 -68.79 -71.92
N TRP C 123 18.86 -69.41 -70.75
CA TRP C 123 19.97 -70.32 -70.56
C TRP C 123 19.86 -71.47 -71.56
N ASN C 124 20.99 -71.81 -72.15
CA ASN C 124 21.04 -72.68 -73.31
C ASN C 124 20.38 -74.04 -73.13
N THR C 125 21.14 -75.00 -72.61
CA THR C 125 20.65 -76.37 -72.56
C THR C 125 20.72 -76.90 -71.15
N VAL C 126 21.12 -76.01 -70.24
CA VAL C 126 21.27 -76.37 -68.83
C VAL C 126 19.91 -76.50 -68.16
N LYS C 127 19.85 -77.28 -67.09
CA LYS C 127 18.62 -77.37 -66.29
C LYS C 127 18.55 -76.17 -65.34
N GLN C 128 17.35 -75.63 -65.16
CA GLN C 128 17.18 -74.47 -64.31
C GLN C 128 16.53 -74.82 -62.97
N ASN C 129 16.50 -73.86 -62.06
CA ASN C 129 15.71 -73.95 -60.84
C ASN C 129 16.15 -75.03 -59.86
N GLY C 130 17.46 -75.20 -59.69
CA GLY C 130 17.98 -76.11 -58.69
C GLY C 130 17.50 -75.76 -57.29
N LYS C 131 17.40 -76.77 -56.43
CA LYS C 131 16.91 -76.54 -55.07
C LYS C 131 17.76 -77.30 -54.05
N SER C 132 17.40 -77.18 -52.77
CA SER C 132 18.20 -77.75 -51.68
C SER C 132 17.43 -77.97 -50.38
N GLY C 133 17.84 -79.00 -49.64
CA GLY C 133 17.21 -79.32 -48.37
C GLY C 133 17.58 -78.33 -47.29
N ALA C 134 18.66 -77.58 -47.54
CA ALA C 134 19.09 -76.55 -46.59
C ALA C 134 18.33 -75.25 -46.80
N CYS C 135 17.56 -75.17 -47.88
CA CYS C 135 16.72 -74.01 -48.14
C CYS C 135 15.26 -74.43 -48.34
N LYS C 136 14.60 -74.91 -47.29
CA LYS C 136 13.22 -75.37 -47.40
C LYS C 136 12.22 -74.20 -47.31
N ARG C 137 11.30 -74.16 -48.26
CA ARG C 137 10.19 -73.21 -48.22
C ARG C 137 8.88 -73.98 -48.03
N ALA C 138 8.24 -73.76 -46.88
CA ALA C 138 7.04 -74.51 -46.48
C ALA C 138 7.31 -76.02 -46.50
N ASN C 139 8.47 -76.40 -45.98
CA ASN C 139 8.87 -77.80 -45.76
C ASN C 139 9.24 -78.58 -47.03
N VAL C 140 9.19 -77.90 -48.17
CA VAL C 140 9.67 -78.47 -49.43
C VAL C 140 11.04 -77.86 -49.77
N ASN C 141 11.94 -78.66 -50.34
CA ASN C 141 13.23 -78.14 -50.80
C ASN C 141 13.06 -76.96 -51.77
N ASP C 142 13.90 -75.95 -51.62
CA ASP C 142 13.78 -74.71 -52.41
C ASP C 142 15.12 -73.95 -52.49
N PHE C 143 15.05 -72.67 -52.85
CA PHE C 143 16.24 -71.85 -53.06
C PHE C 143 15.90 -70.37 -52.90
N PHE C 144 16.89 -69.48 -53.04
CA PHE C 144 16.63 -68.04 -53.00
C PHE C 144 15.71 -67.68 -54.14
N ASN C 145 14.57 -67.04 -53.87
CA ASN C 145 13.60 -66.87 -54.95
C ASN C 145 13.99 -65.80 -55.97
N ARG C 146 15.14 -65.17 -55.74
CA ARG C 146 15.66 -64.18 -56.68
C ARG C 146 16.80 -64.76 -57.51
N LEU C 147 17.24 -65.96 -57.14
CA LEU C 147 18.35 -66.63 -57.82
C LEU C 147 17.90 -67.90 -58.56
N ASN C 148 18.62 -68.24 -59.63
CA ASN C 148 18.32 -69.41 -60.45
C ASN C 148 19.53 -70.35 -60.50
N TRP C 149 19.43 -71.51 -59.85
CA TRP C 149 20.51 -72.48 -59.82
C TRP C 149 20.56 -73.33 -61.10
N LEU C 150 21.67 -73.23 -61.83
CA LEU C 150 21.87 -73.93 -63.09
C LEU C 150 22.77 -75.15 -62.95
N VAL C 151 22.41 -76.23 -63.66
CA VAL C 151 23.19 -77.50 -63.67
C VAL C 151 23.20 -78.26 -65.01
N LYS C 152 23.80 -79.45 -65.01
CA LYS C 152 23.63 -80.41 -66.13
C LYS C 152 22.29 -80.64 -66.80
N SER C 153 22.31 -80.59 -68.13
CA SER C 153 21.29 -81.28 -68.93
C SER C 153 21.41 -82.72 -68.55
N ASP C 154 20.32 -83.47 -68.63
CA ASP C 154 20.29 -84.89 -68.28
C ASP C 154 21.24 -85.70 -69.16
N GLY C 155 21.49 -85.20 -70.38
CA GLY C 155 22.44 -85.81 -71.28
C GLY C 155 23.81 -85.17 -71.14
N ASN C 156 24.22 -84.91 -69.90
CA ASN C 156 25.47 -84.24 -69.50
C ASN C 156 26.02 -83.16 -70.50
N ALA C 157 25.71 -81.87 -70.26
CA ALA C 157 26.10 -80.72 -71.15
C ALA C 157 25.81 -79.25 -70.64
N TYR C 158 26.87 -78.42 -70.56
CA TYR C 158 26.85 -76.94 -70.32
C TYR C 158 27.64 -76.50 -71.47
N PRO C 159 26.96 -76.17 -72.56
CA PRO C 159 27.57 -75.17 -73.43
C PRO C 159 27.98 -74.02 -72.54
N LEU C 160 29.08 -73.39 -72.91
CA LEU C 160 29.40 -72.07 -72.44
C LEU C 160 28.15 -71.18 -72.57
N GLN C 161 27.76 -70.53 -71.47
CA GLN C 161 26.61 -69.62 -71.50
C GLN C 161 27.08 -68.21 -71.83
N ASN C 162 26.19 -67.43 -72.43
CA ASN C 162 26.56 -66.15 -73.00
C ASN C 162 25.31 -65.30 -73.22
N LEU C 163 24.75 -64.78 -72.12
CA LEU C 163 23.53 -63.97 -72.18
C LEU C 163 23.79 -62.50 -71.90
N THR C 164 22.99 -61.66 -72.52
CA THR C 164 23.15 -60.22 -72.40
C THR C 164 21.85 -59.50 -72.11
N LYS C 165 21.88 -58.61 -71.14
CA LYS C 165 20.75 -57.75 -70.87
C LYS C 165 21.15 -56.30 -71.10
N ILE C 166 20.36 -55.58 -71.89
CA ILE C 166 20.63 -54.21 -72.24
C ILE C 166 19.70 -53.30 -71.46
N ASN C 167 20.26 -52.21 -70.93
CA ASN C 167 19.46 -51.24 -70.17
C ASN C 167 19.11 -50.02 -71.01
N ASN C 168 17.87 -49.96 -71.48
CA ASN C 168 17.36 -48.79 -72.19
C ASN C 168 16.36 -48.05 -71.33
N GLY C 169 16.25 -48.47 -70.08
CA GLY C 169 15.38 -47.81 -69.13
C GLY C 169 15.97 -46.51 -68.63
N ASP C 170 15.26 -45.85 -67.74
CA ASP C 170 15.68 -44.56 -67.20
C ASP C 170 16.07 -44.65 -65.74
N TYR C 171 16.67 -45.79 -65.37
CA TYR C 171 17.07 -46.03 -64.00
C TYR C 171 18.19 -47.06 -63.98
N ALA C 172 19.08 -46.95 -63.01
CA ALA C 172 20.15 -47.93 -62.88
C ALA C 172 19.62 -49.24 -62.31
N ARG C 173 20.20 -50.35 -62.76
CA ARG C 173 19.75 -51.67 -62.36
C ARG C 173 20.77 -52.35 -61.48
N LEU C 174 20.30 -53.12 -60.52
CA LEU C 174 21.16 -53.88 -59.64
C LEU C 174 20.94 -55.37 -59.84
N TYR C 175 21.93 -56.05 -60.40
CA TYR C 175 21.86 -57.49 -60.60
C TYR C 175 22.64 -58.18 -59.50
N ILE C 176 21.97 -59.08 -58.77
CA ILE C 176 22.67 -59.91 -57.78
C ILE C 176 22.82 -61.31 -58.33
N TRP C 177 24.07 -61.79 -58.39
CA TRP C 177 24.38 -63.11 -58.92
C TRP C 177 25.34 -63.84 -58.00
N GLY C 178 25.47 -65.15 -58.21
CA GLY C 178 26.27 -65.96 -57.31
C GLY C 178 27.18 -66.98 -57.98
N VAL C 179 28.06 -67.56 -57.19
CA VAL C 179 28.97 -68.58 -57.67
C VAL C 179 29.02 -69.71 -56.66
N HIS C 180 28.81 -70.93 -57.14
CA HIS C 180 28.70 -72.09 -56.27
C HIS C 180 30.04 -72.79 -56.06
N HIS C 181 30.35 -73.09 -54.80
CA HIS C 181 31.60 -73.76 -54.42
C HIS C 181 31.34 -75.16 -53.87
N PRO C 182 31.54 -76.19 -54.70
CA PRO C 182 31.38 -77.59 -54.28
C PRO C 182 32.49 -78.06 -53.34
N SER C 183 32.27 -79.17 -52.66
CA SER C 183 33.22 -79.66 -51.65
C SER C 183 34.17 -80.75 -52.18
N THR C 184 33.91 -81.29 -53.37
CA THR C 184 34.78 -82.28 -54.00
C THR C 184 34.85 -82.11 -55.53
N ASP C 185 35.83 -82.77 -56.14
CA ASP C 185 35.93 -82.81 -57.59
C ASP C 185 34.77 -83.62 -58.16
N THR C 186 34.31 -84.59 -57.38
CA THR C 186 33.17 -85.40 -57.79
C THR C 186 31.90 -84.55 -57.76
N GLU C 187 31.68 -83.84 -56.65
CA GLU C 187 30.54 -82.92 -56.54
C GLU C 187 30.51 -81.93 -57.70
N GLN C 188 31.66 -81.35 -58.03
CA GLN C 188 31.77 -80.45 -59.18
C GLN C 188 31.34 -81.16 -60.46
N THR C 189 31.70 -82.44 -60.56
CA THR C 189 31.40 -83.24 -61.74
C THR C 189 29.90 -83.53 -61.91
N ASN C 190 29.25 -84.02 -60.84
CA ASN C 190 27.82 -84.38 -60.92
C ASN C 190 26.91 -83.18 -61.08
N LEU C 191 27.37 -82.03 -60.60
CA LEU C 191 26.64 -80.79 -60.73
C LEU C 191 26.98 -80.05 -62.03
N TYR C 192 28.20 -79.57 -62.17
CA TYR C 192 28.55 -78.82 -63.37
C TYR C 192 29.59 -79.59 -64.13
N LYS C 193 29.61 -79.44 -65.45
CA LYS C 193 30.45 -80.33 -66.27
C LYS C 193 31.96 -80.11 -66.19
N ASN C 194 32.45 -79.06 -66.84
CA ASN C 194 33.88 -78.73 -66.85
C ASN C 194 34.46 -78.47 -65.47
N ASN C 195 35.67 -78.99 -65.24
CA ASN C 195 36.32 -78.79 -63.98
C ASN C 195 37.61 -78.13 -64.35
N PRO C 196 37.83 -76.91 -63.84
CA PRO C 196 36.99 -76.18 -62.88
C PRO C 196 35.85 -75.41 -63.55
N GLY C 197 35.05 -74.72 -62.73
CA GLY C 197 34.01 -73.86 -63.25
C GLY C 197 34.54 -72.49 -63.62
N GLY C 198 33.66 -71.51 -63.67
CA GLY C 198 34.08 -70.16 -63.99
C GLY C 198 32.95 -69.25 -64.44
N VAL C 199 32.76 -68.17 -63.71
CA VAL C 199 31.77 -67.17 -64.08
C VAL C 199 32.48 -65.87 -64.43
N THR C 200 32.02 -65.21 -65.47
CA THR C 200 32.55 -63.90 -65.83
C THR C 200 31.42 -62.96 -66.22
N VAL C 201 31.12 -62.04 -65.32
CA VAL C 201 30.09 -61.03 -65.55
C VAL C 201 30.74 -59.73 -65.99
N SER C 202 30.26 -59.18 -67.10
CA SER C 202 30.90 -58.02 -67.70
C SER C 202 29.90 -56.88 -67.97
N THR C 203 30.41 -55.66 -67.93
CA THR C 203 29.71 -54.49 -68.45
C THR C 203 30.62 -53.85 -69.47
N LYS C 204 30.20 -52.73 -70.04
CA LYS C 204 31.12 -51.94 -70.86
C LYS C 204 32.34 -51.57 -70.03
N THR C 205 32.08 -51.06 -68.84
CA THR C 205 33.09 -50.38 -68.03
C THR C 205 33.91 -51.31 -67.15
N SER C 206 33.51 -52.59 -67.08
CA SER C 206 34.19 -53.53 -66.18
C SER C 206 33.95 -54.99 -66.52
N GLN C 207 34.70 -55.88 -65.87
CA GLN C 207 34.40 -57.30 -65.88
C GLN C 207 34.86 -57.91 -64.57
N THR C 208 34.22 -59.01 -64.18
CA THR C 208 34.50 -59.69 -62.92
C THR C 208 34.53 -61.19 -63.18
N SER C 209 35.51 -61.88 -62.64
CA SER C 209 35.61 -63.32 -62.91
C SER C 209 35.96 -64.12 -61.67
N VAL C 210 35.15 -65.13 -61.40
CA VAL C 210 35.35 -65.95 -60.21
C VAL C 210 35.65 -67.39 -60.59
N VAL C 211 36.78 -67.91 -60.09
CA VAL C 211 37.05 -69.33 -60.21
C VAL C 211 36.64 -69.96 -58.88
N PRO C 212 35.78 -70.98 -58.95
CA PRO C 212 35.20 -71.61 -57.77
C PRO C 212 36.25 -72.30 -56.89
N ASN C 213 35.99 -72.32 -55.59
CA ASN C 213 36.84 -73.04 -54.66
C ASN C 213 36.24 -74.39 -54.32
N ILE C 214 37.04 -75.44 -54.49
CA ILE C 214 36.59 -76.79 -54.24
C ILE C 214 37.40 -77.41 -53.12
N GLY C 215 36.90 -77.28 -51.89
CA GLY C 215 37.57 -77.81 -50.73
C GLY C 215 36.57 -78.20 -49.66
N SER C 216 37.04 -78.80 -48.58
CA SER C 216 36.14 -79.22 -47.51
C SER C 216 35.99 -78.11 -46.49
N ARG C 217 34.74 -77.78 -46.19
CA ARG C 217 34.42 -76.69 -45.27
C ARG C 217 33.55 -77.22 -44.15
N PRO C 218 33.53 -76.50 -43.02
CA PRO C 218 32.69 -76.88 -41.87
C PRO C 218 31.23 -77.10 -42.26
N LEU C 219 30.50 -77.84 -41.44
CA LEU C 219 29.11 -78.14 -41.75
C LEU C 219 28.18 -77.03 -41.29
N VAL C 220 27.52 -76.40 -42.25
CA VAL C 220 26.55 -75.36 -41.96
C VAL C 220 25.22 -75.75 -42.57
N ARG C 221 24.21 -75.93 -41.73
CA ARG C 221 22.89 -76.38 -42.15
C ARG C 221 23.00 -77.67 -42.95
N GLY C 222 23.99 -78.48 -42.59
CA GLY C 222 24.16 -79.80 -43.15
C GLY C 222 25.05 -79.91 -44.37
N LEU C 223 25.64 -78.80 -44.80
CA LEU C 223 26.45 -78.83 -46.03
C LEU C 223 27.86 -78.31 -45.81
N SER C 224 28.75 -78.69 -46.72
CA SER C 224 30.12 -78.20 -46.71
C SER C 224 30.33 -77.28 -47.91
N SER C 225 29.37 -77.31 -48.83
CA SER C 225 29.38 -76.42 -49.98
C SER C 225 28.90 -75.01 -49.60
N ARG C 226 29.25 -74.02 -50.43
CA ARG C 226 28.87 -72.63 -50.21
C ARG C 226 28.40 -71.94 -51.49
N VAL C 227 27.80 -70.77 -51.34
CA VAL C 227 27.54 -69.91 -52.48
C VAL C 227 28.09 -68.52 -52.17
N SER C 228 28.86 -67.96 -53.09
CA SER C 228 29.39 -66.61 -52.93
C SER C 228 28.59 -65.66 -53.80
N PHE C 229 28.13 -64.55 -53.21
CA PHE C 229 27.28 -63.62 -53.95
C PHE C 229 28.01 -62.35 -54.34
N TYR C 230 27.64 -61.84 -55.51
CA TYR C 230 28.25 -60.65 -56.09
C TYR C 230 27.14 -59.77 -56.63
N TRP C 231 27.49 -58.56 -57.06
CA TRP C 231 26.48 -57.70 -57.66
C TRP C 231 27.09 -56.83 -58.76
N THR C 232 26.22 -56.35 -59.63
CA THR C 232 26.62 -55.51 -60.74
C THR C 232 25.59 -54.42 -60.88
N ILE C 233 26.03 -53.18 -60.94
CA ILE C 233 25.13 -52.09 -61.27
C ILE C 233 25.25 -51.79 -62.75
N VAL C 234 24.11 -51.64 -63.41
CA VAL C 234 24.07 -51.39 -64.84
C VAL C 234 23.35 -50.09 -65.07
N GLU C 235 24.11 -49.06 -65.39
CA GLU C 235 23.56 -47.73 -65.60
C GLU C 235 22.78 -47.71 -66.91
N PRO C 236 21.85 -46.77 -67.07
CA PRO C 236 21.19 -46.62 -68.37
C PRO C 236 22.22 -46.42 -69.48
N GLY C 237 22.04 -47.10 -70.60
CA GLY C 237 22.97 -47.00 -71.71
C GLY C 237 24.05 -48.07 -71.67
N ASP C 238 24.12 -48.81 -70.57
CA ASP C 238 25.13 -49.87 -70.44
C ASP C 238 24.45 -51.24 -70.49
N LEU C 239 25.25 -52.29 -70.48
CA LEU C 239 24.78 -53.66 -70.68
C LEU C 239 25.49 -54.63 -69.74
N ILE C 240 24.94 -55.84 -69.61
CA ILE C 240 25.59 -56.83 -68.78
C ILE C 240 25.67 -58.20 -69.49
N VAL C 241 26.86 -58.80 -69.43
CA VAL C 241 27.10 -60.07 -70.10
C VAL C 241 27.52 -61.14 -69.10
N PHE C 242 26.71 -62.18 -68.97
CA PHE C 242 27.05 -63.31 -68.11
C PHE C 242 27.72 -64.44 -68.91
N ASN C 243 28.93 -64.82 -68.50
CA ASN C 243 29.62 -65.97 -69.08
C ASN C 243 29.77 -67.08 -68.07
N THR C 244 29.38 -68.30 -68.43
CA THR C 244 29.58 -69.41 -67.52
C THR C 244 29.99 -70.71 -68.18
N ILE C 245 31.08 -71.29 -67.68
CA ILE C 245 31.35 -72.71 -67.85
C ILE C 245 31.20 -73.39 -66.49
N GLY C 246 30.01 -73.27 -65.90
CA GLY C 246 29.69 -73.91 -64.64
C GLY C 246 29.72 -73.04 -63.39
N ASN C 247 28.90 -73.44 -62.41
CA ASN C 247 28.86 -72.89 -61.05
C ASN C 247 28.15 -71.54 -60.84
N LEU C 248 27.50 -71.03 -61.88
CA LEU C 248 26.78 -69.77 -61.75
C LEU C 248 25.43 -69.94 -61.04
N ILE C 249 25.22 -69.14 -60.00
CA ILE C 249 23.89 -68.99 -59.41
C ILE C 249 23.30 -67.73 -60.00
N ALA C 250 22.51 -67.90 -61.06
CA ALA C 250 22.11 -66.79 -61.93
C ALA C 250 20.95 -65.97 -61.38
N PRO C 251 20.85 -64.70 -61.82
CA PRO C 251 19.75 -63.78 -61.46
C PRO C 251 18.45 -64.07 -62.20
N ARG C 252 17.31 -63.81 -61.57
CA ARG C 252 16.02 -63.93 -62.25
C ARG C 252 15.53 -62.56 -62.72
N GLY C 253 16.35 -61.53 -62.52
CA GLY C 253 16.00 -60.18 -62.90
C GLY C 253 16.90 -59.16 -62.22
N HIS C 254 16.35 -57.99 -61.96
CA HIS C 254 17.12 -56.94 -61.31
C HIS C 254 16.26 -56.12 -60.35
N TYR C 255 16.90 -55.59 -59.31
CA TYR C 255 16.27 -54.61 -58.44
C TYR C 255 16.37 -53.23 -59.08
N LYS C 256 15.32 -52.43 -58.91
CA LYS C 256 15.36 -51.03 -59.32
C LYS C 256 16.19 -50.19 -58.34
N LEU C 257 17.00 -49.28 -58.85
CA LEU C 257 17.69 -48.30 -58.00
C LEU C 257 17.08 -46.90 -58.13
N ASN C 258 16.80 -46.27 -56.99
CA ASN C 258 16.45 -44.85 -56.98
C ASN C 258 17.63 -44.01 -57.46
N ASN C 259 17.34 -42.94 -58.22
CA ASN C 259 18.40 -42.04 -58.62
C ASN C 259 19.01 -41.44 -57.37
N GLN C 260 18.15 -40.91 -56.52
CA GLN C 260 18.55 -40.34 -55.23
C GLN C 260 18.31 -41.34 -54.12
N LYS C 261 19.37 -41.69 -53.41
CA LYS C 261 19.27 -42.67 -52.34
C LYS C 261 19.40 -41.99 -50.98
N LYS C 262 18.32 -42.02 -50.21
CA LYS C 262 18.24 -41.27 -48.95
C LYS C 262 17.87 -42.13 -47.74
N SER C 263 17.82 -43.44 -47.89
CA SER C 263 17.38 -44.28 -46.77
C SER C 263 18.55 -44.87 -46.01
N THR C 264 18.25 -45.60 -44.94
CA THR C 264 19.29 -46.25 -44.17
C THR C 264 18.75 -47.43 -43.35
N ILE C 265 19.65 -48.04 -42.59
CA ILE C 265 19.35 -49.24 -41.86
C ILE C 265 19.71 -49.06 -40.37
N LEU C 266 18.92 -49.67 -39.50
CA LEU C 266 19.17 -49.58 -38.07
C LEU C 266 19.05 -50.98 -37.47
N ASN C 267 20.09 -51.44 -36.78
CA ASN C 267 20.07 -52.78 -36.20
C ASN C 267 19.72 -52.71 -34.73
N THR C 268 18.53 -53.18 -34.40
CA THR C 268 18.07 -53.12 -33.03
C THR C 268 16.96 -54.14 -32.80
N ALA C 269 16.81 -54.57 -31.56
CA ALA C 269 15.74 -55.51 -31.21
C ALA C 269 14.51 -54.79 -30.65
N ILE C 270 14.58 -53.47 -30.56
CA ILE C 270 13.49 -52.68 -30.00
C ILE C 270 12.23 -52.81 -30.85
N PRO C 271 11.10 -53.11 -30.20
CA PRO C 271 9.82 -53.31 -30.91
C PRO C 271 9.29 -52.01 -31.50
N ILE C 272 8.56 -52.11 -32.61
CA ILE C 272 7.89 -50.94 -33.16
C ILE C 272 6.58 -50.66 -32.43
N GLY C 273 6.40 -49.42 -31.97
CA GLY C 273 5.22 -49.06 -31.21
C GLY C 273 4.18 -48.24 -31.97
N SER C 274 3.61 -47.24 -31.31
CA SER C 274 2.53 -46.46 -31.88
C SER C 274 2.71 -44.97 -31.62
N CYS C 275 3.89 -44.62 -31.12
CA CYS C 275 4.23 -43.24 -30.81
C CYS C 275 4.58 -42.47 -32.07
N VAL C 276 4.85 -41.18 -31.93
CA VAL C 276 5.28 -40.35 -33.05
C VAL C 276 6.64 -39.73 -32.77
N SER C 277 7.57 -39.90 -33.70
CA SER C 277 8.93 -39.36 -33.54
C SER C 277 9.75 -39.49 -34.81
N LYS C 278 10.61 -38.50 -35.04
CA LYS C 278 11.48 -38.50 -36.21
C LYS C 278 12.91 -38.87 -35.84
N CYS C 279 13.12 -39.28 -34.60
CA CYS C 279 14.47 -39.62 -34.14
C CYS C 279 14.52 -41.02 -33.56
N HIS C 280 15.31 -41.88 -34.19
CA HIS C 280 15.44 -43.27 -33.77
C HIS C 280 16.87 -43.61 -33.38
N THR C 281 17.06 -44.09 -32.15
CA THR C 281 18.32 -44.70 -31.76
C THR C 281 18.14 -46.21 -31.68
N ASP C 282 19.25 -46.94 -31.57
CA ASP C 282 19.20 -48.39 -31.44
C ASP C 282 18.68 -48.80 -30.06
N LYS C 283 18.50 -47.83 -29.17
CA LYS C 283 17.89 -48.06 -27.86
C LYS C 283 16.42 -47.68 -27.90
N GLY C 284 15.97 -47.18 -29.05
CA GLY C 284 14.59 -46.77 -29.22
C GLY C 284 14.47 -45.31 -29.61
N SER C 285 13.25 -44.88 -29.94
CA SER C 285 12.99 -43.52 -30.40
C SER C 285 13.18 -42.47 -29.32
N LEU C 286 13.48 -41.25 -29.75
CA LEU C 286 13.60 -40.11 -28.81
C LEU C 286 12.43 -39.16 -29.00
N SER C 287 11.85 -38.68 -27.90
CA SER C 287 10.80 -37.68 -28.01
C SER C 287 11.21 -36.45 -27.20
N THR C 288 11.84 -35.50 -27.86
CA THR C 288 12.49 -34.41 -27.14
C THR C 288 12.67 -33.17 -28.01
N THR C 289 12.84 -32.03 -27.36
CA THR C 289 13.20 -30.79 -28.06
C THR C 289 14.62 -30.35 -27.72
N LYS C 290 15.28 -31.06 -26.81
CA LYS C 290 16.65 -30.73 -26.42
C LYS C 290 17.63 -30.85 -27.60
N PRO C 291 18.71 -30.06 -27.58
CA PRO C 291 19.67 -30.07 -28.69
C PRO C 291 20.72 -31.18 -28.61
N PHE C 292 20.81 -31.84 -27.45
CA PHE C 292 21.81 -32.87 -27.25
C PHE C 292 21.18 -34.13 -26.64
N GLN C 293 21.87 -35.27 -26.78
CA GLN C 293 21.44 -36.53 -26.17
C GLN C 293 22.67 -37.37 -25.84
N ASN C 294 22.55 -38.23 -24.82
CA ASN C 294 23.66 -39.07 -24.40
C ASN C 294 23.30 -40.55 -24.49
N ILE C 295 22.16 -40.84 -25.12
CA ILE C 295 21.63 -42.20 -25.15
C ILE C 295 22.40 -43.15 -26.05
N SER C 296 22.68 -42.74 -27.28
CA SER C 296 23.45 -43.59 -28.19
C SER C 296 24.04 -42.80 -29.36
N ARG C 297 25.28 -43.12 -29.70
CA ARG C 297 25.91 -42.55 -30.89
C ARG C 297 25.25 -43.05 -32.18
N ILE C 298 24.48 -44.14 -32.08
CA ILE C 298 23.80 -44.62 -33.26
C ILE C 298 22.42 -43.99 -33.34
N ALA C 299 22.24 -43.07 -34.27
CA ALA C 299 21.02 -42.28 -34.32
C ALA C 299 20.64 -41.87 -35.75
N VAL C 300 19.38 -42.03 -36.07
CA VAL C 300 18.89 -41.78 -37.41
C VAL C 300 17.66 -40.88 -37.40
N GLY C 301 17.62 -39.92 -38.33
CA GLY C 301 16.49 -39.01 -38.44
C GLY C 301 16.81 -37.61 -37.97
N ASP C 302 15.80 -36.94 -37.44
CA ASP C 302 15.93 -35.58 -36.95
C ASP C 302 16.26 -35.63 -35.45
N CYS C 303 17.55 -35.72 -35.14
CA CYS C 303 17.98 -36.07 -33.79
C CYS C 303 18.74 -34.95 -33.09
N PRO C 304 18.77 -34.98 -31.75
CA PRO C 304 19.72 -34.11 -31.05
C PRO C 304 21.13 -34.61 -31.34
N ARG C 305 22.12 -33.78 -31.12
CA ARG C 305 23.48 -34.22 -31.37
C ARG C 305 23.97 -35.08 -30.21
N TYR C 306 24.64 -36.18 -30.53
CA TYR C 306 25.16 -37.05 -29.50
C TYR C 306 26.39 -36.45 -28.82
N VAL C 307 26.40 -36.51 -27.49
CA VAL C 307 27.50 -35.98 -26.68
C VAL C 307 27.84 -36.93 -25.53
N LYS C 308 29.02 -36.78 -24.94
CA LYS C 308 29.48 -37.63 -23.84
C LYS C 308 28.84 -37.30 -22.48
N GLN C 309 28.52 -36.03 -22.26
CA GLN C 309 27.98 -35.57 -20.98
C GLN C 309 26.58 -36.12 -20.68
N GLY C 310 26.34 -36.44 -19.40
CA GLY C 310 25.03 -36.87 -18.96
C GLY C 310 24.07 -35.70 -18.70
N SER C 311 24.64 -34.51 -18.47
CA SER C 311 23.81 -33.36 -18.18
C SER C 311 24.51 -32.05 -18.51
N LEU C 312 23.76 -31.11 -19.09
CA LEU C 312 24.25 -29.76 -19.29
C LEU C 312 23.10 -28.75 -19.04
N LYS C 313 23.16 -28.08 -17.90
CA LYS C 313 22.08 -27.16 -17.50
C LYS C 313 22.30 -25.78 -18.07
N LEU C 314 21.31 -25.30 -18.82
CA LEU C 314 21.30 -23.92 -19.29
C LEU C 314 20.54 -23.08 -18.27
N ALA C 315 21.20 -22.04 -17.75
CA ALA C 315 20.52 -21.09 -16.86
C ALA C 315 19.44 -20.30 -17.60
N THR C 316 18.26 -20.21 -17.00
CA THR C 316 17.14 -19.44 -17.56
C THR C 316 16.66 -18.41 -16.55
N GLY C 317 17.50 -18.13 -15.57
CA GLY C 317 17.16 -17.18 -14.54
C GLY C 317 18.42 -16.64 -13.90
N MET C 318 18.25 -15.64 -13.05
CA MET C 318 19.36 -14.95 -12.41
C MET C 318 19.97 -15.80 -11.30
N ARG C 319 21.06 -15.34 -10.74
CA ARG C 319 21.61 -16.01 -9.56
C ARG C 319 20.60 -15.98 -8.43
N ASN C 320 20.52 -17.11 -7.73
CA ASN C 320 19.61 -17.27 -6.61
C ASN C 320 20.29 -17.05 -5.28
N ILE C 321 19.97 -15.93 -4.63
CA ILE C 321 20.47 -15.67 -3.28
C ILE C 321 19.30 -15.44 -2.33
N PRO C 322 18.84 -16.51 -1.67
CA PRO C 322 17.63 -16.45 -0.84
C PRO C 322 17.77 -15.68 0.47
N GLU C 323 16.65 -15.66 1.21
CA GLU C 323 16.39 -14.90 2.45
C GLU C 323 15.84 -13.51 2.11
N GLY D 1 28.54 -11.25 -11.15
CA GLY D 1 28.14 -10.51 -12.33
C GLY D 1 28.99 -9.26 -12.49
N LEU D 2 29.08 -8.78 -13.73
CA LEU D 2 29.94 -7.65 -14.05
C LEU D 2 29.54 -6.35 -13.36
N PHE D 3 28.28 -6.22 -12.94
CA PHE D 3 27.81 -4.91 -12.44
C PHE D 3 27.77 -4.78 -10.92
N GLY D 4 27.85 -5.90 -10.21
CA GLY D 4 27.97 -5.85 -8.77
C GLY D 4 26.68 -5.57 -8.03
N ALA D 5 25.55 -5.70 -8.73
CA ALA D 5 24.25 -5.45 -8.12
C ALA D 5 23.73 -6.74 -7.47
N ILE D 6 23.29 -7.69 -8.29
CA ILE D 6 22.90 -9.01 -7.80
C ILE D 6 24.08 -9.70 -7.13
N ALA D 7 23.87 -10.21 -5.91
CA ALA D 7 24.95 -10.76 -5.09
C ALA D 7 26.09 -9.75 -4.97
N GLY D 8 25.70 -8.49 -4.83
CA GLY D 8 26.66 -7.40 -4.70
C GLY D 8 26.13 -6.39 -3.71
N PHE D 9 25.79 -5.19 -4.17
CA PHE D 9 25.31 -4.20 -3.22
C PHE D 9 23.81 -4.40 -2.91
N ILE D 10 23.15 -5.26 -3.67
CA ILE D 10 21.89 -5.86 -3.22
C ILE D 10 22.29 -7.14 -2.52
N GLU D 11 22.07 -7.20 -1.22
CA GLU D 11 22.61 -8.29 -0.41
C GLU D 11 21.94 -9.63 -0.67
N ASN D 12 20.65 -9.62 -1.01
CA ASN D 12 19.96 -10.85 -1.38
C ASN D 12 18.69 -10.56 -2.16
N GLY D 13 18.06 -11.63 -2.65
CA GLY D 13 16.79 -11.51 -3.34
C GLY D 13 15.58 -11.58 -2.41
N TRP D 14 14.39 -11.36 -2.98
CA TRP D 14 13.15 -11.38 -2.23
C TRP D 14 12.29 -12.58 -2.62
N GLN D 15 12.11 -13.51 -1.69
CA GLN D 15 11.26 -14.64 -1.95
C GLN D 15 9.80 -14.22 -2.03
N GLY D 16 9.47 -13.13 -1.33
CA GLY D 16 8.12 -12.57 -1.36
C GLY D 16 7.70 -12.03 -2.71
N LEU D 17 8.66 -11.64 -3.54
CA LEU D 17 8.36 -11.13 -4.88
C LEU D 17 8.08 -12.28 -5.83
N ILE D 18 6.81 -12.56 -6.08
CA ILE D 18 6.46 -13.79 -6.81
C ILE D 18 5.83 -13.49 -8.16
N ASP D 19 5.68 -12.22 -8.49
CA ASP D 19 5.05 -11.90 -9.77
C ASP D 19 5.94 -11.03 -10.64
N GLY D 20 7.25 -11.08 -10.38
CA GLY D 20 8.21 -10.40 -11.22
C GLY D 20 9.62 -10.83 -10.88
N TRP D 21 10.57 -10.43 -11.71
CA TRP D 21 11.98 -10.73 -11.46
C TRP D 21 12.63 -9.60 -10.67
N TYR D 22 12.18 -8.39 -10.93
CA TYR D 22 12.69 -7.22 -10.26
C TYR D 22 11.53 -6.43 -9.71
N GLY D 23 11.79 -5.58 -8.73
CA GLY D 23 10.73 -4.75 -8.19
C GLY D 23 11.15 -3.72 -7.18
N PHE D 24 10.15 -3.12 -6.56
CA PHE D 24 10.33 -2.06 -5.57
C PHE D 24 9.86 -2.51 -4.21
N ARG D 25 10.56 -2.07 -3.17
CA ARG D 25 10.12 -2.29 -1.80
C ARG D 25 10.31 -1.00 -0.99
N HIS D 26 9.21 -0.40 -0.57
CA HIS D 26 9.26 0.91 0.09
C HIS D 26 8.84 0.87 1.54
N GLN D 27 9.17 1.94 2.26
CA GLN D 27 8.57 2.22 3.56
C GLN D 27 8.34 3.72 3.72
N ASN D 28 7.07 4.10 3.92
CA ASN D 28 6.69 5.49 4.18
C ASN D 28 5.85 5.58 5.45
N ALA D 29 5.24 6.75 5.69
CA ALA D 29 4.51 6.99 6.94
C ALA D 29 3.30 6.06 7.10
N GLU D 30 2.74 5.57 6.01
CA GLU D 30 1.54 4.77 6.11
C GLU D 30 1.73 3.28 5.81
N GLY D 31 2.98 2.82 5.77
CA GLY D 31 3.23 1.39 5.58
C GLY D 31 4.34 0.95 4.64
N THR D 32 4.38 -0.35 4.37
CA THR D 32 5.37 -0.98 3.48
C THR D 32 4.71 -1.73 2.32
N GLY D 33 5.45 -1.89 1.23
CA GLY D 33 4.91 -2.57 0.07
C GLY D 33 5.99 -3.18 -0.80
N THR D 34 5.61 -4.20 -1.56
CA THR D 34 6.49 -4.76 -2.59
C THR D 34 5.69 -4.86 -3.88
N ALA D 35 6.25 -4.29 -4.96
CA ALA D 35 5.62 -4.39 -6.28
C ALA D 35 6.65 -4.76 -7.33
N ALA D 36 6.24 -5.55 -8.32
CA ALA D 36 7.11 -5.95 -9.42
C ALA D 36 7.27 -4.83 -10.44
N ASP D 37 8.44 -4.75 -11.08
CA ASP D 37 8.64 -3.86 -12.23
C ASP D 37 8.55 -4.69 -13.51
N LEU D 38 7.55 -4.40 -14.33
CA LEU D 38 7.24 -5.21 -15.49
C LEU D 38 8.33 -5.10 -16.54
N LYS D 39 8.77 -3.87 -16.78
CA LYS D 39 9.67 -3.55 -17.87
C LYS D 39 11.03 -4.24 -17.73
N SER D 40 11.61 -4.14 -16.53
CA SER D 40 12.89 -4.77 -16.26
C SER D 40 12.74 -6.28 -16.33
N THR D 41 11.68 -6.79 -15.70
CA THR D 41 11.37 -8.20 -15.73
C THR D 41 11.26 -8.71 -17.15
N GLN D 42 10.49 -7.98 -17.95
CA GLN D 42 10.22 -8.36 -19.33
C GLN D 42 11.48 -8.31 -20.18
N ALA D 43 12.38 -7.40 -19.84
CA ALA D 43 13.62 -7.21 -20.60
C ALA D 43 14.57 -8.37 -20.35
N ALA D 44 14.61 -8.84 -19.12
CA ALA D 44 15.43 -9.99 -18.78
C ALA D 44 14.88 -11.26 -19.43
N ILE D 45 13.56 -11.45 -19.34
CA ILE D 45 12.93 -12.65 -19.86
C ILE D 45 13.05 -12.75 -21.38
N ASP D 46 12.87 -11.62 -22.06
CA ASP D 46 13.00 -11.59 -23.51
C ASP D 46 14.38 -12.05 -23.98
N GLN D 47 15.42 -11.61 -23.30
CA GLN D 47 16.78 -11.94 -23.70
C GLN D 47 17.11 -13.40 -23.39
N ILE D 48 16.49 -13.95 -22.35
CA ILE D 48 16.74 -15.34 -21.98
C ILE D 48 15.96 -16.31 -22.86
N ASN D 49 14.68 -16.01 -23.11
CA ASN D 49 13.90 -16.82 -24.05
C ASN D 49 14.47 -16.75 -25.47
N GLY D 50 15.08 -15.61 -25.80
CA GLY D 50 15.78 -15.46 -27.07
C GLY D 50 16.92 -16.47 -27.23
N LYS D 51 17.79 -16.54 -26.21
CA LYS D 51 18.83 -17.54 -26.13
C LYS D 51 18.30 -18.95 -26.34
N LEU D 52 17.20 -19.25 -25.65
CA LEU D 52 16.58 -20.57 -25.67
C LEU D 52 16.11 -20.92 -27.08
N ASN D 53 15.48 -19.96 -27.73
CA ASN D 53 14.98 -20.20 -29.07
C ASN D 53 16.10 -20.39 -30.12
N ARG D 54 17.17 -19.60 -30.04
CA ARG D 54 18.28 -19.79 -31.00
C ARG D 54 18.81 -21.20 -30.86
N LEU D 55 18.81 -21.70 -29.64
CA LEU D 55 19.45 -22.93 -29.28
C LEU D 55 18.72 -24.17 -29.79
N ILE D 56 17.44 -24.27 -29.47
CA ILE D 56 16.68 -25.51 -29.63
C ILE D 56 16.45 -25.96 -31.09
N GLU D 57 16.08 -25.02 -31.97
CA GLU D 57 15.91 -25.35 -33.39
C GLU D 57 17.19 -25.15 -34.23
N LYS D 58 18.12 -26.08 -33.99
CA LYS D 58 19.11 -26.57 -34.93
C LYS D 58 18.42 -27.54 -35.90
N THR D 59 19.08 -27.91 -36.98
CA THR D 59 18.62 -29.08 -37.74
C THR D 59 19.79 -30.05 -37.85
N ASN D 60 19.61 -31.25 -37.31
CA ASN D 60 20.59 -32.34 -37.44
C ASN D 60 19.88 -33.56 -38.02
N ASP D 61 19.55 -33.47 -39.30
CA ASP D 61 18.72 -34.45 -39.99
C ASP D 61 19.58 -35.44 -40.79
N LYS D 62 19.96 -36.57 -40.18
CA LYS D 62 20.90 -37.51 -40.81
C LYS D 62 20.31 -38.89 -41.00
N TYR D 63 20.64 -39.53 -42.12
CA TYR D 63 20.13 -40.88 -42.39
C TYR D 63 21.26 -41.85 -42.58
N HIS D 64 21.67 -42.10 -43.81
CA HIS D 64 22.76 -43.04 -44.04
C HIS D 64 24.08 -42.45 -43.60
N GLN D 65 24.73 -43.10 -42.63
CA GLN D 65 25.96 -42.56 -42.07
C GLN D 65 27.10 -43.58 -42.21
N ILE D 66 27.61 -44.08 -41.09
CA ILE D 66 28.56 -45.19 -41.10
C ILE D 66 28.22 -46.15 -39.96
N GLU D 67 28.74 -47.36 -40.05
CA GLU D 67 28.65 -48.31 -38.95
C GLU D 67 29.44 -47.78 -37.75
N LYS D 68 28.90 -47.98 -36.54
CA LYS D 68 29.52 -47.44 -35.34
C LYS D 68 29.74 -48.49 -34.26
N GLU D 69 29.22 -49.69 -34.46
CA GLU D 69 29.49 -50.82 -33.58
C GLU D 69 30.05 -52.02 -34.35
N PHE D 70 31.03 -52.70 -33.78
CA PHE D 70 31.64 -53.83 -34.48
C PHE D 70 31.85 -55.06 -33.58
N GLU D 71 31.65 -56.24 -34.16
CA GLU D 71 31.76 -57.50 -33.41
C GLU D 71 33.21 -57.78 -33.07
N GLN D 72 34.03 -57.79 -34.11
CA GLN D 72 35.43 -58.15 -34.02
C GLN D 72 36.25 -57.15 -34.84
N VAL D 73 37.47 -56.86 -34.40
CA VAL D 73 38.36 -55.96 -35.12
C VAL D 73 38.67 -56.46 -36.53
N GLU D 74 38.83 -55.53 -37.48
CA GLU D 74 39.22 -55.88 -38.85
C GLU D 74 40.52 -55.17 -39.25
N GLY D 75 40.89 -54.15 -38.50
CA GLY D 75 42.09 -53.40 -38.85
C GLY D 75 41.82 -52.03 -39.46
N ARG D 76 42.52 -51.76 -40.55
CA ARG D 76 42.70 -50.39 -41.06
C ARG D 76 41.42 -49.60 -41.28
N ILE D 77 40.51 -50.14 -42.07
CA ILE D 77 39.28 -49.45 -42.39
C ILE D 77 38.41 -49.26 -41.15
N GLN D 78 38.33 -50.27 -40.30
CA GLN D 78 37.56 -50.17 -39.08
C GLN D 78 38.15 -49.15 -38.10
N ASP D 79 39.48 -49.11 -38.01
CA ASP D 79 40.17 -48.15 -37.17
C ASP D 79 39.81 -46.72 -37.57
N LEU D 80 39.81 -46.48 -38.88
CA LEU D 80 39.46 -45.16 -39.41
C LEU D 80 38.01 -44.82 -39.05
N GLU D 81 37.09 -45.76 -39.26
CA GLU D 81 35.68 -45.54 -38.93
C GLU D 81 35.46 -45.19 -37.46
N LYS D 82 36.16 -45.91 -36.57
CA LYS D 82 36.04 -45.65 -35.15
C LYS D 82 36.68 -44.29 -34.81
N TYR D 83 37.81 -44.00 -35.41
CA TYR D 83 38.51 -42.74 -35.17
C TYR D 83 37.68 -41.51 -35.60
N VAL D 84 37.11 -41.59 -36.79
CA VAL D 84 36.23 -40.55 -37.30
C VAL D 84 35.06 -40.28 -36.32
N GLU D 85 34.38 -41.34 -35.90
CA GLU D 85 33.24 -41.16 -35.01
C GLU D 85 33.71 -40.61 -33.65
N ASP D 86 34.80 -41.15 -33.12
CA ASP D 86 35.32 -40.68 -31.84
C ASP D 86 35.77 -39.21 -31.92
N THR D 87 36.33 -38.81 -33.06
CA THR D 87 36.73 -37.42 -33.26
C THR D 87 35.51 -36.51 -33.28
N LYS D 88 34.48 -36.94 -33.99
CA LYS D 88 33.23 -36.18 -34.08
C LYS D 88 32.57 -35.97 -32.72
N ILE D 89 32.42 -37.06 -31.96
CA ILE D 89 31.82 -36.98 -30.62
C ILE D 89 32.57 -36.04 -29.67
N ASP D 90 33.90 -36.07 -29.69
CA ASP D 90 34.65 -35.14 -28.83
C ASP D 90 34.45 -33.68 -29.23
N LEU D 91 34.43 -33.40 -30.53
CA LEU D 91 34.29 -32.02 -30.97
C LEU D 91 32.91 -31.46 -30.58
N TRP D 92 31.87 -32.27 -30.76
CA TRP D 92 30.52 -31.84 -30.38
C TRP D 92 30.35 -31.75 -28.87
N SER D 93 30.99 -32.66 -28.13
CA SER D 93 30.89 -32.57 -26.68
C SER D 93 31.59 -31.30 -26.17
N TYR D 94 32.72 -30.95 -26.78
CA TYR D 94 33.37 -29.67 -26.47
C TYR D 94 32.46 -28.49 -26.83
N ASN D 95 31.84 -28.52 -28.00
CA ASN D 95 30.93 -27.44 -28.40
C ASN D 95 29.81 -27.24 -27.38
N ALA D 96 29.18 -28.34 -26.97
CA ALA D 96 28.10 -28.30 -26.00
C ALA D 96 28.58 -27.75 -24.65
N GLU D 97 29.77 -28.15 -24.23
CA GLU D 97 30.31 -27.68 -22.95
C GLU D 97 30.60 -26.19 -23.00
N LEU D 98 31.27 -25.74 -24.06
CA LEU D 98 31.61 -24.33 -24.19
C LEU D 98 30.35 -23.49 -24.32
N LEU D 99 29.42 -23.94 -25.16
CA LEU D 99 28.20 -23.19 -25.42
C LEU D 99 27.43 -22.87 -24.13
N VAL D 100 27.24 -23.87 -23.29
CA VAL D 100 26.49 -23.67 -22.06
C VAL D 100 27.26 -22.79 -21.07
N ALA D 101 28.58 -22.93 -21.04
CA ALA D 101 29.39 -22.09 -20.18
C ALA D 101 29.30 -20.62 -20.58
N LEU D 102 29.39 -20.34 -21.88
CA LEU D 102 29.30 -18.97 -22.40
C LEU D 102 27.93 -18.40 -22.15
N GLU D 103 26.93 -19.18 -22.53
CA GLU D 103 25.54 -18.74 -22.39
C GLU D 103 25.22 -18.37 -20.95
N ASN D 104 25.66 -19.21 -20.02
CA ASN D 104 25.36 -19.00 -18.61
C ASN D 104 26.10 -17.80 -18.06
N GLN D 105 27.36 -17.62 -18.46
CA GLN D 105 28.10 -16.46 -18.02
C GLN D 105 27.43 -15.20 -18.54
N HIS D 106 26.91 -15.29 -19.77
CA HIS D 106 26.20 -14.16 -20.33
C HIS D 106 24.85 -13.90 -19.65
N THR D 107 24.09 -14.97 -19.37
CA THR D 107 22.78 -14.85 -18.73
C THR D 107 22.91 -14.19 -17.35
N ILE D 108 23.89 -14.62 -16.59
CA ILE D 108 24.10 -14.04 -15.26
C ILE D 108 24.46 -12.56 -15.38
N ASP D 109 25.27 -12.19 -16.37
CA ASP D 109 25.60 -10.78 -16.59
C ASP D 109 24.40 -9.94 -17.03
N VAL D 110 23.58 -10.48 -17.94
CA VAL D 110 22.37 -9.78 -18.36
C VAL D 110 21.43 -9.50 -17.19
N THR D 111 21.25 -10.48 -16.30
CA THR D 111 20.29 -10.31 -15.23
C THR D 111 20.83 -9.33 -14.20
N ASP D 112 22.13 -9.39 -13.95
CA ASP D 112 22.79 -8.42 -13.09
C ASP D 112 22.67 -7.02 -13.70
N SER D 113 22.84 -6.94 -15.02
CA SER D 113 22.70 -5.68 -15.75
C SER D 113 21.30 -5.07 -15.64
N GLU D 114 20.26 -5.89 -15.81
CA GLU D 114 18.89 -5.38 -15.78
C GLU D 114 18.51 -4.86 -14.39
N MET D 115 19.05 -5.51 -13.37
CA MET D 115 18.89 -5.05 -12.00
C MET D 115 19.49 -3.65 -11.87
N ASN D 116 20.71 -3.51 -12.37
CA ASN D 116 21.40 -2.23 -12.33
C ASN D 116 20.70 -1.15 -13.15
N LYS D 117 20.16 -1.51 -14.30
CA LYS D 117 19.42 -0.54 -15.11
C LYS D 117 18.19 -0.05 -14.36
N LEU D 118 17.54 -0.94 -13.63
CA LEU D 118 16.36 -0.57 -12.86
C LEU D 118 16.75 0.41 -11.77
N PHE D 119 17.83 0.10 -11.05
CA PHE D 119 18.30 0.94 -9.97
C PHE D 119 18.67 2.33 -10.50
N GLU D 120 19.37 2.35 -11.62
CA GLU D 120 19.82 3.61 -12.21
C GLU D 120 18.66 4.44 -12.75
N ARG D 121 17.64 3.77 -13.29
CA ARG D 121 16.43 4.43 -13.77
C ARG D 121 15.73 5.18 -12.63
N VAL D 122 15.63 4.56 -11.47
CA VAL D 122 14.92 5.17 -10.35
C VAL D 122 15.75 6.31 -9.78
N ARG D 123 17.06 6.08 -9.65
CA ARG D 123 17.98 7.12 -9.24
C ARG D 123 17.80 8.39 -10.06
N ARG D 124 17.61 8.25 -11.37
CA ARG D 124 17.51 9.41 -12.23
C ARG D 124 16.15 10.11 -12.07
N GLN D 125 15.08 9.35 -11.85
CA GLN D 125 13.79 9.97 -11.53
C GLN D 125 13.90 10.87 -10.31
N LEU D 126 14.66 10.41 -9.32
CA LEU D 126 14.66 11.05 -8.01
C LEU D 126 15.49 12.35 -7.93
N ARG D 127 16.36 12.58 -8.91
CA ARG D 127 17.20 13.79 -8.97
C ARG D 127 17.81 14.13 -7.61
N GLU D 128 17.57 15.33 -7.12
CA GLU D 128 18.18 15.78 -5.88
C GLU D 128 17.31 15.52 -4.65
N ASN D 129 16.24 14.75 -4.80
CA ASN D 129 15.31 14.56 -3.69
C ASN D 129 15.61 13.33 -2.83
N ALA D 130 16.64 12.56 -3.21
CA ALA D 130 16.96 11.30 -2.55
C ALA D 130 18.45 10.99 -2.52
N GLU D 131 18.86 10.10 -1.62
CA GLU D 131 20.27 9.71 -1.52
C GLU D 131 20.42 8.20 -1.52
N ASP D 132 21.35 7.72 -2.32
CA ASP D 132 21.71 6.30 -2.35
C ASP D 132 22.21 5.90 -0.97
N LYS D 133 21.50 4.96 -0.33
CA LYS D 133 21.90 4.47 0.99
C LYS D 133 22.99 3.38 0.90
N GLY D 134 23.15 2.80 -0.30
CA GLY D 134 24.24 1.88 -0.55
C GLY D 134 23.88 0.40 -0.71
N ASN D 135 22.62 0.08 -0.44
CA ASN D 135 22.16 -1.30 -0.46
C ASN D 135 21.04 -1.52 -1.46
N GLY D 136 21.01 -0.71 -2.50
CA GLY D 136 19.91 -0.72 -3.45
C GLY D 136 18.72 0.12 -3.02
N CYS D 137 18.88 0.86 -1.93
CA CYS D 137 17.81 1.68 -1.37
C CYS D 137 18.10 3.18 -1.46
N PHE D 138 17.04 3.95 -1.70
CA PHE D 138 17.12 5.40 -1.61
C PHE D 138 16.40 5.94 -0.40
N GLU D 139 17.09 6.80 0.35
CA GLU D 139 16.42 7.60 1.36
C GLU D 139 15.77 8.79 0.66
N ILE D 140 14.46 8.88 0.77
CA ILE D 140 13.69 10.00 0.20
C ILE D 140 13.49 11.09 1.24
N PHE D 141 13.94 12.30 0.93
CA PHE D 141 13.99 13.37 1.92
C PHE D 141 12.77 14.29 1.93
N HIS D 142 11.60 13.70 1.79
CA HIS D 142 10.34 14.43 1.76
C HIS D 142 9.25 13.39 1.97
N LYS D 143 8.11 13.79 2.51
CA LYS D 143 7.02 12.85 2.73
C LYS D 143 6.52 12.31 1.41
N CYS D 144 6.33 11.00 1.37
CA CYS D 144 5.99 10.33 0.12
C CYS D 144 4.92 9.28 0.39
N ASP D 145 3.66 9.66 0.23
CA ASP D 145 2.55 8.75 0.52
C ASP D 145 2.42 7.70 -0.59
N ASN D 146 1.42 6.82 -0.48
CA ASN D 146 1.27 5.72 -1.43
C ASN D 146 1.16 6.18 -2.89
N ASN D 147 0.46 7.29 -3.12
CA ASN D 147 0.36 7.83 -4.48
C ASN D 147 1.71 8.30 -5.00
N CYS D 148 2.48 8.96 -4.14
CA CYS D 148 3.81 9.42 -4.46
C CYS D 148 4.72 8.24 -4.83
N ILE D 149 4.70 7.19 -4.00
CA ILE D 149 5.45 5.96 -4.26
C ILE D 149 5.10 5.37 -5.62
N GLU D 150 3.80 5.22 -5.89
CA GLU D 150 3.34 4.64 -7.14
C GLU D 150 3.81 5.48 -8.33
N SER D 151 3.95 6.79 -8.13
CA SER D 151 4.36 7.68 -9.22
C SER D 151 5.83 7.43 -9.59
N ILE D 152 6.64 7.09 -8.59
CA ILE D 152 8.01 6.66 -8.82
C ILE D 152 8.04 5.34 -9.61
N ARG D 153 7.16 4.41 -9.25
CA ARG D 153 7.17 3.08 -9.88
C ARG D 153 6.70 3.09 -11.34
N ASN D 154 5.75 3.96 -11.67
CA ASN D 154 5.21 4.01 -13.02
C ASN D 154 5.81 5.15 -13.85
N GLY D 155 6.86 5.77 -13.34
CA GLY D 155 7.59 6.80 -14.06
C GLY D 155 6.95 8.18 -14.24
N THR D 156 6.04 8.55 -13.34
CA THR D 156 5.36 9.86 -13.44
C THR D 156 5.80 10.85 -12.37
N TYR D 157 6.60 10.38 -11.42
CA TYR D 157 7.16 11.21 -10.36
C TYR D 157 7.84 12.47 -10.92
N ASP D 158 7.41 13.62 -10.42
CA ASP D 158 7.93 14.91 -10.86
C ASP D 158 8.74 15.51 -9.73
N HIS D 159 10.06 15.50 -9.88
CA HIS D 159 10.95 15.88 -8.80
C HIS D 159 10.78 17.34 -8.37
N ASP D 160 10.33 18.18 -9.29
CA ASP D 160 10.18 19.61 -9.00
C ASP D 160 9.16 19.89 -7.89
N ILE D 161 8.13 19.07 -7.82
CA ILE D 161 7.07 19.21 -6.82
C ILE D 161 7.62 19.16 -5.40
N TYR D 162 8.61 18.30 -5.18
CA TYR D 162 9.12 18.04 -3.83
C TYR D 162 10.51 18.61 -3.54
N ARG D 163 11.13 19.26 -4.52
CA ARG D 163 12.55 19.62 -4.41
C ARG D 163 12.85 20.60 -3.27
N ASP D 164 12.01 21.63 -3.10
CA ASP D 164 12.25 22.61 -2.04
C ASP D 164 12.24 21.90 -0.69
N GLU D 165 11.23 21.07 -0.45
CA GLU D 165 11.14 20.30 0.79
C GLU D 165 12.36 19.40 0.97
N ALA D 166 12.73 18.71 -0.10
CA ALA D 166 13.82 17.74 -0.07
C ALA D 166 15.20 18.37 0.12
N ILE D 167 15.49 19.42 -0.64
CA ILE D 167 16.77 20.11 -0.50
C ILE D 167 16.95 20.64 0.93
N ASN D 168 15.87 21.20 1.48
CA ASN D 168 15.90 21.73 2.85
C ASN D 168 16.14 20.65 3.90
N ASN D 169 15.60 19.45 3.67
CA ASN D 169 15.84 18.35 4.61
C ASN D 169 17.25 17.77 4.51
N ARG D 170 17.79 17.71 3.30
CA ARG D 170 19.13 17.14 3.09
C ARG D 170 20.25 17.99 3.69
N PHE D 171 20.12 19.31 3.64
CA PHE D 171 21.24 20.20 3.94
C PHE D 171 21.05 21.15 5.14
N GLN D 172 20.01 20.93 5.94
CA GLN D 172 19.80 21.71 7.16
C GLN D 172 19.13 20.88 8.26
C1 NAG E . -48.68 76.94 50.51
C2 NAG E . -49.01 76.50 49.05
C3 NAG E . -50.52 76.58 48.78
C4 NAG E . -51.31 75.85 49.86
C5 NAG E . -50.97 76.47 51.20
C6 NAG E . -51.70 75.82 52.36
C7 NAG E . -47.17 76.90 47.47
C8 NAG E . -46.58 77.89 46.49
N2 NAG E . -48.28 77.31 48.09
O3 NAG E . -50.79 76.01 47.50
O4 NAG E . -52.71 75.96 49.61
O5 NAG E . -49.56 76.27 51.44
O6 NAG E . -50.86 74.92 53.07
O7 NAG E . -46.66 75.81 47.67
C1 NAG F . -8.02 30.62 39.56
C2 NAG F . -7.37 31.10 40.86
C3 NAG F . -5.86 31.24 40.67
C4 NAG F . -5.26 29.97 40.09
C5 NAG F . -6.01 29.57 38.83
C6 NAG F . -5.57 28.25 38.26
C7 NAG F . -8.63 32.50 42.44
C8 NAG F . -9.17 33.86 42.72
N2 NAG F . -7.95 32.36 41.30
O3 NAG F . -5.24 31.49 41.93
O4 NAG F . -3.88 30.17 39.78
O5 NAG F . -7.41 29.42 39.13
O6 NAG F . -6.28 27.96 37.07
O7 NAG F . -8.80 31.55 43.21
C1 SIA G . -16.74 78.59 55.46
C2 SIA G . -17.13 79.80 56.28
C3 SIA G . -17.28 81.03 55.37
C4 SIA G . -18.56 80.97 54.53
C5 SIA G . -19.77 80.71 55.41
C6 SIA G . -19.52 79.43 56.20
C7 SIA G . -20.69 79.06 57.10
C8 SIA G . -20.42 77.77 57.86
C9 SIA G . -21.65 77.33 58.65
C10 SIA G . -22.15 81.15 54.94
C11 SIA G . -22.07 82.37 55.82
N5 SIA G . -20.98 80.60 54.61
O1A SIA G . -16.05 78.77 54.43
O1B SIA G . -17.11 77.45 55.83
O2 SIA G . -16.07 80.06 57.22
O4 SIA G . -18.72 82.19 53.80
O6 SIA G . -18.34 79.59 57.01
O7 SIA G . -20.93 80.13 58.04
O8 SIA G . -20.02 76.74 56.96
O9 SIA G . -21.25 76.35 59.60
O10 SIA G . -23.20 80.70 54.56
C1 NAG H . 27.79 -64.22 -77.44
C2 NAG H . 27.19 -62.80 -77.40
C3 NAG H . 27.53 -62.04 -78.69
C4 NAG H . 29.02 -62.11 -78.99
C5 NAG H . 29.48 -63.57 -78.99
C6 NAG H . 30.96 -63.74 -79.23
C7 NAG H . 25.14 -62.46 -76.09
C8 NAG H . 23.63 -62.58 -76.08
N2 NAG H . 25.74 -62.86 -77.21
O3 NAG H . 27.12 -60.68 -78.57
O4 NAG H . 29.30 -61.54 -80.27
O5 NAG H . 29.19 -64.14 -77.71
O6 NAG H . 31.42 -64.95 -78.64
O7 NAG H . 25.76 -62.02 -75.13
C1 NAG I . 23.13 -40.42 -19.67
C2 NAG I . 23.90 -41.69 -19.24
C3 NAG I . 23.28 -42.30 -17.98
C4 NAG I . 23.12 -41.25 -16.89
C5 NAG I . 22.35 -40.06 -17.42
C6 NAG I . 22.25 -38.94 -16.42
C7 NAG I . 25.03 -43.08 -20.92
C8 NAG I . 24.87 -44.11 -22.00
N2 NAG I . 23.91 -42.66 -20.32
O3 NAG I . 24.14 -43.31 -17.50
O4 NAG I . 22.48 -41.81 -15.75
O5 NAG I . 23.04 -39.52 -18.56
O6 NAG I . 21.75 -37.77 -17.05
O7 NAG I . 26.14 -42.65 -20.60
C1 SIA J . 20.30 -80.89 -50.98
C2 SIA J . 20.65 -82.05 -51.89
C3 SIA J . 19.45 -82.41 -52.79
C4 SIA J . 19.22 -81.36 -53.88
C5 SIA J . 20.51 -81.10 -54.66
C6 SIA J . 21.56 -80.65 -53.64
C7 SIA J . 22.87 -80.21 -54.28
C8 SIA J . 23.95 -79.89 -53.25
C9 SIA J . 25.16 -79.28 -53.93
C10 SIA J . 20.89 -80.16 -56.89
C11 SIA J . 21.20 -81.53 -57.41
N5 SIA J . 20.32 -80.09 -55.68
O1A SIA J . 21.21 -80.11 -50.60
O1B SIA J . 19.12 -80.75 -50.61
O2 SIA J . 20.98 -83.21 -51.11
O4 SIA J . 18.18 -81.77 -54.76
O6 SIA J . 21.78 -81.73 -52.72
O7 SIA J . 23.35 -81.24 -55.16
O8 SIA J . 23.44 -79.00 -52.24
O9 SIA J . 26.24 -79.24 -53.00
O10 SIA J . 21.15 -79.15 -57.53
#